data_5DVJ
#
_entry.id   5DVJ
#
_cell.length_a   102.650
_cell.length_b   118.880
_cell.length_c   66.570
_cell.angle_alpha   90.00
_cell.angle_beta   90.00
_cell.angle_gamma   90.00
#
_symmetry.space_group_name_H-M   'P 21 21 2'
#
loop_
_entity.id
_entity.type
_entity.pdbx_description
1 polymer 'Binding protein component of ABC sugar transporter'
2 non-polymer beta-D-galactopyranose
3 non-polymer GLYCEROL
4 non-polymer 'SULFATE ION'
5 water water
#
_entity_poly.entity_id   1
_entity_poly.type   'polypeptide(L)'
_entity_poly.pdbx_seq_one_letter_code
;MGSSHHHHHHSSGLVPRGSHMADNPGTVDVLHWWTSGGEAKAVETLKQQIQKDGFIWKDNAVAGGGGAAAMTVLKTRAIS
GNPPSAAQIKGPDIQEWGALGLLTELDDVAAANKWDDLLPRQVADIMKYDGHYVAVPVNIHRVNWLWINPQVFDKAGAKV
PTTLDELFAAADKLKAAGFIPLAHGGQPWQDSTVFEDLVLSILGPKGYHAAFVDLDEKTLTGPQMTEAFATLKRLGTYMD
PNRAGRDWNIAAAEVINGKAGMQIMGDWAKSEWSAAGKVAGKDYQCVAFPGTQGSFAYNIDSLAMFKLKDANDIKAQNDL
AKVALEPEFQTVFNQNKGSLPVRQDMDMSKFDACTQKSAADFKEAAKGDGLQPSMAHNMATTLAVQGAIFDVVTNFLNDP
QAEPATAVKQLNAAIKAAR
;
_entity_poly.pdbx_strand_id   A,B
#
loop_
_chem_comp.id
_chem_comp.type
_chem_comp.name
_chem_comp.formula
GAL D-saccharide, beta linking beta-D-galactopyranose 'C6 H12 O6'
GOL non-polymer GLYCEROL 'C3 H8 O3'
SO4 non-polymer 'SULFATE ION' 'O4 S -2'
#
# COMPACT_ATOMS: atom_id res chain seq x y z
N ASN A 24 -26.84 -22.21 -8.49
CA ASN A 24 -27.69 -21.04 -8.76
C ASN A 24 -27.84 -20.71 -10.22
N PRO A 25 -26.83 -21.07 -11.08
CA PRO A 25 -25.80 -22.12 -11.10
C PRO A 25 -24.41 -21.91 -10.42
N GLY A 26 -24.13 -20.72 -9.97
CA GLY A 26 -22.80 -20.38 -9.48
C GLY A 26 -22.31 -19.21 -10.27
N THR A 27 -21.61 -18.30 -9.61
CA THR A 27 -21.10 -17.12 -10.22
C THR A 27 -19.62 -16.95 -10.05
N VAL A 28 -18.99 -16.67 -11.18
CA VAL A 28 -17.57 -16.40 -11.27
C VAL A 28 -17.34 -14.89 -11.22
N ASP A 29 -16.63 -14.45 -10.21
CA ASP A 29 -16.33 -13.06 -9.97
C ASP A 29 -14.82 -12.91 -9.92
N VAL A 30 -14.23 -12.34 -10.95
CA VAL A 30 -12.80 -12.18 -11.03
C VAL A 30 -12.53 -10.69 -10.96
N LEU A 31 -11.60 -10.30 -10.09
CA LEU A 31 -11.15 -8.93 -9.98
C LEU A 31 -9.86 -8.85 -10.79
N HIS A 32 -9.86 -7.94 -11.73
CA HIS A 32 -8.79 -7.82 -12.67
C HIS A 32 -8.80 -6.46 -13.22
N TRP A 33 -7.75 -6.10 -13.97
CA TRP A 33 -7.71 -4.79 -14.61
C TRP A 33 -7.54 -4.77 -16.10
N TRP A 34 -8.19 -5.73 -16.75
CA TRP A 34 -8.18 -5.87 -18.19
C TRP A 34 -9.36 -5.08 -18.77
N THR A 35 -9.06 -3.84 -19.10
CA THR A 35 -10.11 -2.88 -19.49
C THR A 35 -9.92 -2.11 -20.80
N SER A 36 -8.69 -2.10 -21.37
CA SER A 36 -8.45 -1.36 -22.59
C SER A 36 -9.13 -2.14 -23.68
N GLY A 37 -9.18 -1.53 -24.86
CA GLY A 37 -9.79 -2.12 -26.02
C GLY A 37 -9.35 -3.55 -26.23
N GLY A 38 -8.05 -3.76 -26.31
CA GLY A 38 -7.51 -5.11 -26.50
C GLY A 38 -7.68 -6.06 -25.32
N GLU A 39 -7.44 -5.55 -24.11
CA GLU A 39 -7.46 -6.46 -22.99
C GLU A 39 -8.87 -6.89 -22.68
N ALA A 40 -9.82 -5.99 -22.93
CA ALA A 40 -11.21 -6.33 -22.73
C ALA A 40 -11.62 -7.38 -23.73
N LYS A 41 -11.06 -7.36 -24.93
CA LYS A 41 -11.31 -8.45 -25.92
C LYS A 41 -10.84 -9.82 -25.46
N ALA A 42 -9.74 -9.81 -24.71
CA ALA A 42 -9.23 -11.04 -24.17
C ALA A 42 -10.12 -11.51 -23.01
N VAL A 43 -10.48 -10.63 -22.11
CA VAL A 43 -11.29 -11.11 -20.98
C VAL A 43 -12.68 -11.59 -21.47
N GLU A 44 -13.11 -11.03 -22.58
CA GLU A 44 -14.39 -11.39 -23.14
C GLU A 44 -14.40 -12.87 -23.51
N THR A 45 -13.25 -13.41 -23.91
CA THR A 45 -13.11 -14.82 -24.17
C THR A 45 -13.34 -15.65 -22.93
N LEU A 46 -12.92 -15.17 -21.79
CA LEU A 46 -13.15 -15.90 -20.59
C LEU A 46 -14.61 -15.80 -20.18
N LYS A 47 -15.20 -14.64 -20.27
CA LYS A 47 -16.65 -14.52 -19.98
C LYS A 47 -17.41 -15.50 -20.84
N GLN A 48 -17.08 -15.56 -22.13
CA GLN A 48 -17.81 -16.50 -23.02
C GLN A 48 -17.68 -17.96 -22.61
N GLN A 49 -16.45 -18.41 -22.35
CA GLN A 49 -16.25 -19.77 -21.92
C GLN A 49 -17.04 -20.05 -20.60
N ILE A 50 -17.01 -19.13 -19.63
CA ILE A 50 -17.72 -19.39 -18.37
C ILE A 50 -19.22 -19.51 -18.65
N GLN A 51 -19.76 -18.59 -19.46
CA GLN A 51 -21.17 -18.66 -19.82
C GLN A 51 -21.54 -19.96 -20.56
N LYS A 52 -20.68 -20.34 -21.48
CA LYS A 52 -20.83 -21.64 -22.19
C LYS A 52 -20.80 -22.84 -21.30
N ASP A 53 -20.12 -22.75 -20.16
CA ASP A 53 -20.05 -23.86 -19.24
C ASP A 53 -21.28 -23.87 -18.29
N GLY A 54 -22.15 -22.87 -18.39
CA GLY A 54 -23.35 -22.78 -17.60
C GLY A 54 -23.27 -22.10 -16.21
N PHE A 55 -22.30 -21.23 -16.04
CA PHE A 55 -22.15 -20.40 -14.85
C PHE A 55 -22.40 -18.93 -15.18
N ILE A 56 -22.62 -18.12 -14.15
CA ILE A 56 -22.78 -16.69 -14.33
C ILE A 56 -21.42 -16.00 -14.33
N TRP A 57 -21.20 -15.10 -15.29
CA TRP A 57 -20.02 -14.22 -15.28
C TRP A 57 -20.46 -12.87 -14.73
N LYS A 58 -19.81 -12.47 -13.64
CA LYS A 58 -20.06 -11.19 -12.98
C LYS A 58 -18.73 -10.59 -12.51
N ASP A 59 -18.06 -10.09 -13.52
CA ASP A 59 -16.95 -9.17 -13.58
C ASP A 59 -16.79 -8.02 -12.58
N ASN A 60 -15.63 -7.90 -11.95
CA ASN A 60 -15.20 -6.70 -11.19
C ASN A 60 -13.94 -6.18 -11.82
N ALA A 61 -14.07 -5.62 -13.03
CA ALA A 61 -12.96 -4.96 -13.71
C ALA A 61 -12.71 -3.57 -13.12
N VAL A 62 -11.48 -3.41 -12.67
CA VAL A 62 -11.06 -2.15 -12.07
C VAL A 62 -9.98 -1.46 -12.91
N ALA A 63 -10.36 -0.38 -13.56
CA ALA A 63 -9.49 0.19 -14.56
C ALA A 63 -8.32 0.86 -13.91
N GLY A 64 -7.13 0.58 -14.42
CA GLY A 64 -5.93 1.28 -14.01
C GLY A 64 -5.03 0.39 -14.82
N GLY A 65 -3.84 0.88 -15.19
CA GLY A 65 -2.93 0.11 -16.01
C GLY A 65 -1.98 -0.28 -14.93
N GLY A 66 -1.53 -1.53 -15.01
CA GLY A 66 -0.60 -2.12 -14.07
C GLY A 66 -1.20 -2.54 -12.75
N GLY A 67 -2.42 -2.08 -12.44
CA GLY A 67 -3.21 -2.75 -11.46
C GLY A 67 -3.25 -2.13 -10.05
N ALA A 68 -2.62 -0.97 -9.84
CA ALA A 68 -2.64 -0.35 -8.48
C ALA A 68 -4.13 -0.07 -8.04
N ALA A 69 -4.97 0.31 -9.01
CA ALA A 69 -6.38 0.67 -8.63
C ALA A 69 -7.11 -0.58 -8.21
N ALA A 70 -6.78 -1.67 -8.89
CA ALA A 70 -7.49 -2.95 -8.66
C ALA A 70 -7.14 -3.48 -7.30
N MET A 71 -5.85 -3.42 -6.98
CA MET A 71 -5.39 -3.79 -5.66
C MET A 71 -6.11 -3.01 -4.55
N THR A 72 -6.37 -1.72 -4.77
CA THR A 72 -7.04 -0.94 -3.74
C THR A 72 -8.41 -1.52 -3.44
N VAL A 73 -9.11 -1.89 -4.49
CA VAL A 73 -10.40 -2.53 -4.39
C VAL A 73 -10.18 -3.93 -3.77
N LEU A 74 -9.22 -4.68 -4.25
CA LEU A 74 -8.90 -5.97 -3.58
C LEU A 74 -8.60 -5.86 -2.06
N LYS A 75 -7.84 -4.84 -1.61
CA LYS A 75 -7.48 -4.65 -0.20
C LYS A 75 -8.79 -4.60 0.63
N THR A 76 -9.87 -4.07 0.04
CA THR A 76 -11.19 -4.09 0.69
C THR A 76 -12.00 -5.36 0.54
N ARG A 77 -12.17 -5.85 -0.67
CA ARG A 77 -12.99 -7.05 -0.86
C ARG A 77 -12.39 -8.28 -0.15
N ALA A 78 -11.05 -8.34 -0.07
CA ALA A 78 -10.34 -9.55 0.38
C ALA A 78 -10.69 -9.95 1.76
N ILE A 79 -10.99 -8.94 2.60
CA ILE A 79 -11.33 -9.11 4.00
C ILE A 79 -12.82 -8.80 4.24
N SER A 80 -13.58 -8.79 3.15
CA SER A 80 -14.93 -8.22 3.19
C SER A 80 -15.96 -9.16 3.69
N GLY A 81 -15.79 -10.43 3.37
CA GLY A 81 -16.90 -11.39 3.50
C GLY A 81 -17.58 -11.72 2.18
N ASN A 82 -17.30 -10.94 1.12
CA ASN A 82 -17.56 -11.39 -0.26
C ASN A 82 -16.28 -11.29 -1.12
N PRO A 83 -15.28 -12.13 -0.81
CA PRO A 83 -14.08 -12.04 -1.62
C PRO A 83 -14.41 -12.41 -3.04
N PRO A 84 -13.57 -12.02 -4.02
CA PRO A 84 -13.90 -12.51 -5.33
C PRO A 84 -13.52 -13.98 -5.44
N SER A 85 -14.05 -14.64 -6.44
CA SER A 85 -13.62 -15.97 -6.81
C SER A 85 -12.11 -16.04 -7.04
N ALA A 86 -11.60 -15.07 -7.78
CA ALA A 86 -10.23 -14.95 -8.11
C ALA A 86 -9.92 -13.48 -8.31
N ALA A 87 -8.68 -13.16 -8.02
CA ALA A 87 -8.09 -11.87 -8.33
C ALA A 87 -6.76 -12.04 -9.03
N GLN A 88 -6.46 -11.04 -9.82
CA GLN A 88 -5.27 -10.97 -10.61
C GLN A 88 -4.15 -10.54 -9.67
N ILE A 89 -3.39 -11.50 -9.16
CA ILE A 89 -2.39 -11.25 -8.17
C ILE A 89 -1.16 -12.03 -8.61
N LYS A 90 -0.02 -11.36 -8.68
CA LYS A 90 1.18 -11.90 -9.34
C LYS A 90 2.38 -11.90 -8.45
N GLY A 91 3.29 -12.81 -8.74
CA GLY A 91 4.58 -12.71 -8.11
C GLY A 91 4.62 -12.96 -6.64
N PRO A 92 5.61 -12.40 -5.98
CA PRO A 92 5.73 -12.55 -4.57
C PRO A 92 4.50 -12.15 -3.76
N ASP A 93 3.68 -11.28 -4.32
CA ASP A 93 2.53 -10.85 -3.58
C ASP A 93 1.61 -12.02 -3.29
N ILE A 94 1.64 -13.07 -4.14
CA ILE A 94 0.80 -14.25 -3.84
C ILE A 94 1.13 -14.81 -2.47
N GLN A 95 2.41 -14.77 -2.07
CA GLN A 95 2.80 -15.30 -0.82
C GLN A 95 2.09 -14.62 0.31
N GLU A 96 1.71 -13.35 0.15
CA GLU A 96 1.09 -12.65 1.25
C GLU A 96 -0.32 -13.13 1.39
N TRP A 97 -1.04 -13.23 0.30
CA TRP A 97 -2.40 -13.74 0.35
C TRP A 97 -2.43 -15.17 0.82
N GLY A 98 -1.48 -15.98 0.36
CA GLY A 98 -1.30 -17.37 0.86
C GLY A 98 -1.09 -17.45 2.36
N ALA A 99 -0.16 -16.64 2.85
CA ALA A 99 0.15 -16.56 4.28
C ALA A 99 -1.05 -16.14 5.15
N LEU A 100 -1.86 -15.24 4.64
CA LEU A 100 -3.09 -14.80 5.33
C LEU A 100 -4.17 -15.91 5.48
N GLY A 101 -3.99 -17.02 4.79
CA GLY A 101 -4.98 -18.07 4.79
C GLY A 101 -6.21 -17.72 4.00
N LEU A 102 -6.17 -16.73 3.11
CA LEU A 102 -7.36 -16.36 2.32
C LEU A 102 -7.55 -17.17 1.03
N LEU A 103 -6.52 -17.91 0.63
CA LEU A 103 -6.58 -18.60 -0.64
C LEU A 103 -6.87 -20.12 -0.54
N THR A 104 -7.56 -20.70 -1.52
CA THR A 104 -7.83 -22.15 -1.46
C THR A 104 -6.77 -22.95 -2.19
N GLU A 105 -6.42 -24.09 -1.67
CA GLU A 105 -5.47 -24.99 -2.30
C GLU A 105 -6.14 -25.71 -3.46
N LEU A 106 -5.42 -25.91 -4.56
CA LEU A 106 -6.00 -26.41 -5.83
C LEU A 106 -5.42 -27.81 -6.19
N ASP A 107 -5.19 -28.59 -5.17
CA ASP A 107 -4.47 -29.88 -5.27
C ASP A 107 -5.16 -30.82 -6.27
N ASP A 108 -6.47 -30.99 -6.13
CA ASP A 108 -7.21 -31.95 -6.97
C ASP A 108 -7.27 -31.53 -8.45
N VAL A 109 -7.60 -30.26 -8.74
CA VAL A 109 -7.60 -29.76 -10.13
C VAL A 109 -6.16 -29.81 -10.71
N ALA A 110 -5.15 -29.39 -9.94
CA ALA A 110 -3.77 -29.42 -10.43
C ALA A 110 -3.25 -30.87 -10.74
N ALA A 111 -3.60 -31.83 -9.89
CA ALA A 111 -3.26 -33.23 -10.10
C ALA A 111 -3.91 -33.78 -11.38
N ALA A 112 -5.20 -33.48 -11.54
CA ALA A 112 -5.97 -34.07 -12.65
C ALA A 112 -5.56 -33.52 -14.00
N ASN A 113 -5.48 -32.19 -14.04
CA ASN A 113 -5.13 -31.45 -15.24
C ASN A 113 -3.62 -31.30 -15.39
N LYS A 114 -2.85 -32.04 -14.58
CA LYS A 114 -1.40 -32.15 -14.73
C LYS A 114 -0.62 -30.81 -14.77
N TRP A 115 -0.90 -29.91 -13.84
CA TRP A 115 -0.29 -28.56 -13.91
C TRP A 115 1.21 -28.59 -13.87
N ASP A 116 1.80 -29.44 -13.04
CA ASP A 116 3.24 -29.44 -12.97
C ASP A 116 3.78 -29.75 -14.41
N ASP A 117 3.09 -30.60 -15.16
CA ASP A 117 3.55 -31.02 -16.49
C ASP A 117 3.34 -29.95 -17.53
N LEU A 118 2.25 -29.20 -17.39
CA LEU A 118 1.86 -28.21 -18.40
C LEU A 118 2.62 -26.89 -18.23
N LEU A 119 3.08 -26.60 -17.02
CA LEU A 119 3.67 -25.31 -16.74
C LEU A 119 5.19 -25.40 -16.67
N PRO A 120 5.88 -24.38 -17.17
CA PRO A 120 7.33 -24.33 -16.89
C PRO A 120 7.54 -24.28 -15.38
N ARG A 121 8.50 -25.02 -14.83
CA ARG A 121 8.86 -24.99 -13.39
C ARG A 121 9.04 -23.59 -12.79
N GLN A 122 9.64 -22.68 -13.57
CA GLN A 122 9.97 -21.40 -13.03
C GLN A 122 8.58 -20.70 -12.73
N VAL A 123 7.59 -21.00 -13.57
CA VAL A 123 6.26 -20.42 -13.42
C VAL A 123 5.45 -21.17 -12.31
N ALA A 124 5.54 -22.52 -12.31
CA ALA A 124 4.78 -23.34 -11.35
C ALA A 124 5.13 -22.96 -9.88
N ASP A 125 6.41 -22.70 -9.63
CA ASP A 125 6.85 -22.39 -8.26
C ASP A 125 6.15 -21.11 -7.71
N ILE A 126 5.92 -20.15 -8.58
CA ILE A 126 5.36 -18.86 -8.19
C ILE A 126 3.89 -18.99 -7.75
N MET A 127 3.22 -20.02 -8.26
CA MET A 127 1.79 -20.19 -8.06
C MET A 127 1.49 -20.86 -6.72
N LYS A 128 2.53 -21.33 -6.05
CA LYS A 128 2.36 -22.15 -4.86
C LYS A 128 2.61 -21.48 -3.51
N TYR A 129 1.84 -21.88 -2.50
CA TYR A 129 2.10 -21.43 -1.14
C TYR A 129 2.28 -22.68 -0.35
N ASP A 130 3.44 -22.80 0.31
CA ASP A 130 3.79 -23.97 1.10
C ASP A 130 3.48 -25.28 0.36
N GLY A 131 3.84 -25.29 -0.90
CA GLY A 131 3.79 -26.55 -1.62
C GLY A 131 2.52 -26.73 -2.42
N HIS A 132 1.50 -25.92 -2.16
CA HIS A 132 0.21 -26.04 -2.85
C HIS A 132 -0.12 -24.92 -3.80
N TYR A 133 -0.65 -25.29 -4.99
CA TYR A 133 -1.13 -24.30 -5.93
C TYR A 133 -2.23 -23.49 -5.25
N VAL A 134 -2.15 -22.16 -5.32
CA VAL A 134 -3.23 -21.29 -4.80
C VAL A 134 -3.62 -20.28 -5.78
N ALA A 135 -3.00 -20.34 -6.98
CA ALA A 135 -3.21 -19.44 -8.10
C ALA A 135 -2.96 -20.22 -9.38
N VAL A 136 -3.60 -19.80 -10.42
CA VAL A 136 -3.42 -20.35 -11.78
C VAL A 136 -2.94 -19.31 -12.76
N PRO A 137 -1.85 -19.60 -13.46
CA PRO A 137 -1.39 -18.65 -14.48
C PRO A 137 -2.25 -18.72 -15.74
N VAL A 138 -2.29 -17.64 -16.48
CA VAL A 138 -2.95 -17.68 -17.78
C VAL A 138 -2.09 -17.41 -19.02
N ASN A 139 -0.91 -16.82 -18.82
CA ASN A 139 -0.12 -16.32 -19.91
C ASN A 139 1.35 -16.14 -19.55
N ILE A 140 2.15 -15.77 -20.56
CA ILE A 140 3.47 -15.27 -20.29
C ILE A 140 3.66 -14.00 -21.13
N HIS A 141 3.55 -12.86 -20.44
CA HIS A 141 3.91 -11.59 -21.12
C HIS A 141 5.42 -11.43 -21.11
N ARG A 142 5.99 -10.87 -22.18
CA ARG A 142 7.31 -10.29 -22.19
C ARG A 142 7.23 -8.81 -22.01
N VAL A 143 8.05 -8.25 -21.15
CA VAL A 143 7.94 -6.84 -20.89
C VAL A 143 8.94 -6.09 -21.80
N ASN A 144 10.08 -6.70 -22.09
CA ASN A 144 11.18 -5.95 -22.80
C ASN A 144 11.08 -5.92 -24.32
N TRP A 145 9.94 -5.42 -24.81
CA TRP A 145 9.74 -5.13 -26.22
C TRP A 145 9.74 -3.61 -26.52
N LEU A 146 10.12 -3.30 -27.73
CA LEU A 146 9.95 -1.98 -28.33
C LEU A 146 9.07 -2.17 -29.54
N TRP A 147 8.03 -1.31 -29.71
CA TRP A 147 7.00 -1.42 -30.78
C TRP A 147 7.32 -0.27 -31.73
N ILE A 148 7.33 -0.54 -33.02
CA ILE A 148 7.79 0.37 -34.07
C ILE A 148 6.68 0.48 -35.09
N ASN A 149 6.46 1.70 -35.57
CA ASN A 149 5.62 1.91 -36.73
C ASN A 149 6.54 2.06 -37.93
N PRO A 150 6.59 1.02 -38.78
CA PRO A 150 7.47 1.09 -39.95
C PRO A 150 7.10 2.16 -40.97
N GLN A 151 5.84 2.57 -41.07
CA GLN A 151 5.52 3.60 -42.05
C GLN A 151 6.07 4.95 -41.61
N VAL A 152 5.97 5.20 -40.31
CA VAL A 152 6.54 6.38 -39.70
C VAL A 152 8.08 6.35 -39.76
N PHE A 153 8.70 5.22 -39.43
CA PHE A 153 10.15 5.10 -39.58
C PHE A 153 10.60 5.35 -41.04
N ASP A 154 9.81 4.91 -42.02
CA ASP A 154 10.20 5.14 -43.40
C ASP A 154 10.08 6.60 -43.77
N LYS A 155 9.02 7.25 -43.29
CA LYS A 155 8.88 8.70 -43.56
C LYS A 155 10.00 9.51 -42.88
N ALA A 156 10.40 9.06 -41.71
CA ALA A 156 11.44 9.72 -40.98
C ALA A 156 12.85 9.35 -41.44
N GLY A 157 12.98 8.38 -42.36
CA GLY A 157 14.33 7.78 -42.73
C GLY A 157 15.05 7.19 -41.51
N ALA A 158 14.30 6.72 -40.51
CA ALA A 158 14.90 6.13 -39.34
C ALA A 158 15.07 4.62 -39.50
N LYS A 159 16.05 4.09 -38.77
CA LYS A 159 16.37 2.64 -38.71
C LYS A 159 15.95 2.01 -37.39
N VAL A 160 15.30 0.87 -37.51
CA VAL A 160 14.87 0.08 -36.35
C VAL A 160 16.10 -0.20 -35.50
N PRO A 161 16.10 0.26 -34.26
CA PRO A 161 17.28 0.20 -33.42
C PRO A 161 17.56 -1.17 -32.76
N THR A 162 18.86 -1.51 -32.72
CA THR A 162 19.35 -2.70 -32.03
C THR A 162 20.25 -2.41 -30.80
N THR A 163 20.66 -1.15 -30.70
CA THR A 163 21.46 -0.65 -29.63
C THR A 163 20.85 0.62 -29.06
N LEU A 164 21.29 0.98 -27.85
CA LEU A 164 20.93 2.26 -27.22
C LEU A 164 21.32 3.47 -28.10
N ASP A 165 22.52 3.49 -28.67
CA ASP A 165 22.89 4.50 -29.66
C ASP A 165 21.94 4.56 -30.85
N GLU A 166 21.52 3.41 -31.35
CA GLU A 166 20.56 3.42 -32.47
C GLU A 166 19.21 3.91 -32.01
N LEU A 167 18.89 3.70 -30.73
CA LEU A 167 17.57 4.09 -30.22
C LEU A 167 17.52 5.63 -30.28
N PHE A 168 18.60 6.28 -29.79
CA PHE A 168 18.64 7.73 -29.74
C PHE A 168 18.68 8.31 -31.17
N ALA A 169 19.41 7.67 -32.09
CA ALA A 169 19.39 8.07 -33.50
C ALA A 169 18.00 8.08 -34.15
N ALA A 170 17.23 7.01 -33.95
CA ALA A 170 15.89 6.92 -34.46
C ALA A 170 15.05 8.04 -33.82
N ALA A 171 15.25 8.26 -32.52
CA ALA A 171 14.49 9.24 -31.79
C ALA A 171 14.78 10.64 -32.36
N ASP A 172 16.05 10.91 -32.64
CA ASP A 172 16.45 12.15 -33.28
C ASP A 172 15.77 12.34 -34.57
N LYS A 173 15.77 11.29 -35.37
CA LYS A 173 15.14 11.38 -36.69
C LYS A 173 13.64 11.51 -36.66
N LEU A 174 13.01 10.86 -35.71
CA LEU A 174 11.58 10.94 -35.59
C LEU A 174 11.21 12.41 -35.25
N LYS A 175 11.98 12.97 -34.33
CA LYS A 175 11.73 14.35 -33.88
C LYS A 175 11.94 15.34 -35.00
N ALA A 176 13.06 15.21 -35.72
CA ALA A 176 13.31 16.07 -36.86
C ALA A 176 12.17 16.01 -37.87
N ALA A 177 11.59 14.82 -38.04
CA ALA A 177 10.54 14.59 -39.04
C ALA A 177 9.15 15.04 -38.60
N GLY A 178 9.01 15.54 -37.37
CA GLY A 178 7.71 16.06 -36.91
C GLY A 178 6.88 15.13 -36.05
N PHE A 179 7.38 13.89 -35.76
CA PHE A 179 6.63 12.95 -34.98
C PHE A 179 6.99 13.00 -33.50
N ILE A 180 6.06 12.47 -32.72
CA ILE A 180 6.35 12.18 -31.35
C ILE A 180 7.44 11.11 -31.43
N PRO A 181 8.67 11.36 -30.90
CA PRO A 181 9.70 10.26 -30.98
C PRO A 181 9.31 9.03 -30.19
N LEU A 182 8.95 9.30 -28.94
CA LEU A 182 8.71 8.25 -28.00
C LEU A 182 7.33 8.41 -27.40
N ALA A 183 6.40 7.53 -27.72
CA ALA A 183 5.10 7.62 -27.11
C ALA A 183 5.25 6.98 -25.73
N HIS A 184 4.99 7.74 -24.66
CA HIS A 184 5.19 7.30 -23.26
C HIS A 184 4.27 7.99 -22.34
N GLY A 185 3.47 7.22 -21.61
CA GLY A 185 2.54 7.75 -20.63
C GLY A 185 3.17 8.01 -19.27
N GLY A 186 2.77 9.11 -18.65
CA GLY A 186 3.40 9.53 -17.42
C GLY A 186 2.73 8.95 -16.17
N GLN A 187 3.08 7.70 -15.87
CA GLN A 187 2.54 6.95 -14.71
C GLN A 187 3.66 6.10 -14.20
N PRO A 188 3.80 6.01 -12.86
CA PRO A 188 5.02 5.41 -12.35
C PRO A 188 5.33 4.04 -12.93
N TRP A 189 4.31 3.18 -13.05
CA TRP A 189 4.54 1.84 -13.57
C TRP A 189 5.05 1.88 -14.98
N GLN A 190 4.65 2.82 -15.79
CA GLN A 190 5.23 2.95 -17.15
C GLN A 190 6.73 3.48 -17.10
N ASP A 191 6.94 4.52 -16.32
CA ASP A 191 8.30 5.05 -16.12
C ASP A 191 9.24 3.88 -15.77
N SER A 192 8.79 2.99 -14.87
CA SER A 192 9.67 1.92 -14.38
C SER A 192 9.76 0.72 -15.31
N THR A 193 8.81 0.57 -16.19
CA THR A 193 8.92 -0.39 -17.30
C THR A 193 10.08 -0.01 -18.19
N VAL A 194 10.18 1.28 -18.50
CA VAL A 194 11.27 1.81 -19.29
C VAL A 194 12.58 1.71 -18.52
N PHE A 195 12.53 2.06 -17.23
CA PHE A 195 13.75 2.00 -16.48
C PHE A 195 14.28 0.56 -16.42
N GLU A 196 13.43 -0.42 -16.08
CA GLU A 196 13.98 -1.80 -15.94
C GLU A 196 14.49 -2.36 -17.32
N ASP A 197 13.91 -1.89 -18.38
CA ASP A 197 14.46 -2.15 -19.75
C ASP A 197 15.94 -1.67 -19.86
N LEU A 198 16.18 -0.46 -19.40
CA LEU A 198 17.48 0.13 -19.41
C LEU A 198 18.44 -0.60 -18.48
N VAL A 199 17.97 -0.98 -17.30
CA VAL A 199 18.80 -1.81 -16.38
C VAL A 199 19.17 -3.13 -17.05
N LEU A 200 18.18 -3.80 -17.58
CA LEU A 200 18.45 -5.03 -18.26
C LEU A 200 19.37 -4.82 -19.42
N SER A 201 19.15 -3.74 -20.19
CA SER A 201 20.07 -3.43 -21.34
C SER A 201 21.54 -3.26 -20.97
N ILE A 202 21.76 -2.48 -19.91
CA ILE A 202 23.07 -1.98 -19.53
C ILE A 202 23.78 -2.95 -18.62
N LEU A 203 23.12 -3.37 -17.55
CA LEU A 203 23.70 -4.31 -16.59
C LEU A 203 23.75 -5.74 -17.09
N GLY A 204 22.84 -6.09 -17.99
CA GLY A 204 22.73 -7.46 -18.41
C GLY A 204 21.86 -8.24 -17.43
N PRO A 205 21.43 -9.44 -17.85
CA PRO A 205 20.40 -10.10 -17.04
C PRO A 205 20.93 -10.44 -15.62
N LYS A 206 22.13 -10.94 -15.52
CA LYS A 206 22.68 -11.31 -14.22
C LYS A 206 22.74 -10.10 -13.25
N GLY A 207 23.16 -8.94 -13.74
CA GLY A 207 23.23 -7.75 -12.89
C GLY A 207 21.84 -7.20 -12.55
N TYR A 208 20.95 -7.32 -13.52
CA TYR A 208 19.55 -7.04 -13.34
C TYR A 208 19.03 -7.93 -12.21
N HIS A 209 19.48 -9.19 -12.16
CA HIS A 209 18.93 -10.14 -11.23
C HIS A 209 19.36 -9.65 -9.84
N ALA A 210 20.64 -9.32 -9.73
CA ALA A 210 21.27 -8.85 -8.48
C ALA A 210 20.57 -7.56 -7.93
N ALA A 211 20.20 -6.65 -8.82
CA ALA A 211 19.60 -5.39 -8.37
C ALA A 211 18.21 -5.62 -7.84
N PHE A 212 17.36 -6.35 -8.57
CA PHE A 212 15.89 -6.35 -8.34
C PHE A 212 15.40 -7.59 -7.64
N VAL A 213 16.13 -8.67 -7.75
CA VAL A 213 15.71 -9.86 -6.99
C VAL A 213 16.49 -9.91 -5.69
N ASP A 214 17.81 -9.77 -5.74
CA ASP A 214 18.61 -9.90 -4.57
C ASP A 214 18.76 -8.55 -3.83
N LEU A 215 18.45 -7.46 -4.50
CA LEU A 215 18.47 -6.12 -3.89
C LEU A 215 19.88 -5.92 -3.38
N ASP A 216 20.84 -6.16 -4.28
CA ASP A 216 22.24 -6.18 -3.87
C ASP A 216 22.71 -4.73 -3.84
N GLU A 217 22.99 -4.22 -2.63
CA GLU A 217 23.38 -2.80 -2.42
C GLU A 217 24.46 -2.34 -3.37
N LYS A 218 25.54 -3.11 -3.48
CA LYS A 218 26.61 -2.71 -4.36
C LYS A 218 26.15 -2.57 -5.82
N THR A 219 25.28 -3.46 -6.31
CA THR A 219 24.76 -3.35 -7.67
C THR A 219 23.80 -2.14 -7.80
N LEU A 220 22.96 -1.91 -6.78
CA LEU A 220 21.96 -0.85 -6.81
C LEU A 220 22.57 0.54 -6.82
N THR A 221 23.77 0.69 -6.24
CA THR A 221 24.44 1.98 -6.18
C THR A 221 25.68 2.07 -7.08
N GLY A 222 25.80 1.18 -8.06
CA GLY A 222 27.07 1.12 -8.79
C GLY A 222 27.07 1.96 -10.05
N PRO A 223 28.19 1.96 -10.78
CA PRO A 223 28.34 2.78 -11.98
C PRO A 223 27.39 2.44 -13.11
N GLN A 224 27.06 1.18 -13.26
CA GLN A 224 26.14 0.80 -14.34
C GLN A 224 24.71 1.27 -14.06
N MET A 225 24.25 1.03 -12.85
CA MET A 225 22.94 1.53 -12.44
C MET A 225 22.94 3.04 -12.58
N THR A 226 24.03 3.69 -12.20
CA THR A 226 24.14 5.12 -12.33
C THR A 226 23.92 5.43 -13.81
N GLU A 227 24.63 4.75 -14.69
CA GLU A 227 24.48 4.99 -16.11
C GLU A 227 23.07 4.71 -16.60
N ALA A 228 22.37 3.77 -15.97
CA ALA A 228 20.99 3.51 -16.32
C ALA A 228 20.15 4.74 -16.05
N PHE A 229 20.39 5.40 -14.93
CA PHE A 229 19.68 6.64 -14.66
C PHE A 229 20.07 7.71 -15.63
N ALA A 230 21.34 7.78 -16.02
CA ALA A 230 21.80 8.82 -16.95
C ALA A 230 21.02 8.62 -18.30
N THR A 231 20.79 7.40 -18.65
CA THR A 231 20.21 7.04 -19.98
C THR A 231 18.72 7.32 -19.93
N LEU A 232 18.13 7.02 -18.77
CA LEU A 232 16.72 7.31 -18.53
C LEU A 232 16.46 8.80 -18.65
N LYS A 233 17.33 9.60 -18.06
CA LYS A 233 17.22 11.04 -18.16
C LYS A 233 17.26 11.54 -19.62
N ARG A 234 18.20 11.07 -20.42
CA ARG A 234 18.23 11.50 -21.80
C ARG A 234 16.98 11.02 -22.52
N LEU A 235 16.57 9.79 -22.26
CA LEU A 235 15.40 9.26 -22.92
C LEU A 235 14.21 10.15 -22.60
N GLY A 236 14.14 10.60 -21.37
CA GLY A 236 13.14 11.55 -20.95
C GLY A 236 13.14 12.89 -21.65
N THR A 237 14.29 13.31 -22.21
CA THR A 237 14.30 14.49 -23.02
C THR A 237 13.64 14.25 -24.36
N TYR A 238 13.29 13.02 -24.72
CA TYR A 238 12.50 12.76 -25.93
C TYR A 238 10.99 12.48 -25.69
N MET A 239 10.57 12.39 -24.44
CA MET A 239 9.17 12.21 -24.06
C MET A 239 8.39 13.55 -24.16
N ASP A 240 7.06 13.49 -24.31
CA ASP A 240 6.19 14.70 -24.24
C ASP A 240 6.17 15.25 -22.81
N PRO A 241 6.51 16.55 -22.65
CA PRO A 241 6.42 17.32 -21.43
C PRO A 241 5.11 17.14 -20.72
N ASN A 242 4.04 16.96 -21.48
CA ASN A 242 2.69 16.90 -20.87
C ASN A 242 2.11 15.48 -20.79
N ARG A 243 2.98 14.48 -20.87
CA ARG A 243 2.58 13.10 -20.69
C ARG A 243 1.90 12.71 -19.35
N ALA A 244 2.00 13.53 -18.30
CA ALA A 244 1.54 13.06 -16.99
C ALA A 244 0.06 12.63 -17.03
N GLY A 245 -0.24 11.50 -16.43
CA GLY A 245 -1.60 10.88 -16.40
C GLY A 245 -2.05 10.07 -17.61
N ARG A 246 -1.22 10.04 -18.66
CA ARG A 246 -1.58 9.40 -19.88
C ARG A 246 -1.47 7.91 -19.82
N ASP A 247 -2.58 7.23 -20.08
CA ASP A 247 -2.62 5.76 -19.98
C ASP A 247 -1.77 5.09 -21.07
N TRP A 248 -1.34 3.85 -20.79
CA TRP A 248 -0.53 3.06 -21.76
C TRP A 248 -1.21 2.87 -23.14
N ASN A 249 -2.55 2.79 -23.15
CA ASN A 249 -3.33 2.71 -24.41
C ASN A 249 -3.39 3.99 -25.24
N ILE A 250 -3.25 5.16 -24.57
CA ILE A 250 -3.19 6.43 -25.24
C ILE A 250 -1.89 6.49 -25.97
N ALA A 251 -0.80 6.01 -25.30
CA ALA A 251 0.54 6.03 -25.91
C ALA A 251 0.55 5.02 -27.13
N ALA A 252 0.00 3.81 -26.91
CA ALA A 252 -0.11 2.84 -27.97
C ALA A 252 -0.81 3.42 -29.13
N ALA A 253 -1.89 4.14 -28.84
CA ALA A 253 -2.68 4.71 -29.95
C ALA A 253 -1.93 5.76 -30.75
N GLU A 254 -1.01 6.48 -30.09
CA GLU A 254 -0.22 7.51 -30.80
C GLU A 254 0.62 6.84 -31.88
N VAL A 255 1.09 5.63 -31.57
CA VAL A 255 1.84 4.85 -32.55
C VAL A 255 0.90 4.27 -33.62
N ILE A 256 -0.15 3.58 -33.17
CA ILE A 256 -1.13 3.09 -34.12
C ILE A 256 -1.62 4.14 -35.09
N ASN A 257 -1.83 5.37 -34.65
CA ASN A 257 -2.37 6.44 -35.50
C ASN A 257 -1.31 7.15 -36.36
N GLY A 258 -0.05 6.73 -36.26
CA GLY A 258 1.05 7.31 -37.02
C GLY A 258 1.56 8.64 -36.51
N LYS A 259 1.26 8.99 -35.25
CA LYS A 259 1.70 10.28 -34.69
C LYS A 259 3.09 10.16 -33.99
N ALA A 260 3.45 8.94 -33.70
CA ALA A 260 4.64 8.59 -32.94
C ALA A 260 5.30 7.41 -33.64
N GLY A 261 6.63 7.34 -33.52
CA GLY A 261 7.40 6.24 -34.13
C GLY A 261 7.45 4.92 -33.34
N MET A 262 7.48 5.03 -32.02
CA MET A 262 7.81 3.93 -31.14
C MET A 262 7.13 4.05 -29.76
N GLN A 263 6.90 2.89 -29.16
CA GLN A 263 6.54 2.77 -27.74
C GLN A 263 7.31 1.63 -27.06
N ILE A 264 7.87 1.96 -25.88
CA ILE A 264 8.57 1.03 -25.04
C ILE A 264 7.54 0.42 -24.10
N MET A 265 7.10 -0.78 -24.41
CA MET A 265 6.00 -1.41 -23.64
C MET A 265 5.98 -2.91 -23.80
N GLY A 266 5.45 -3.60 -22.80
CA GLY A 266 5.27 -5.02 -22.83
C GLY A 266 4.31 -5.42 -23.92
N ASP A 267 4.20 -6.73 -24.18
CA ASP A 267 3.37 -7.19 -25.31
C ASP A 267 1.84 -7.18 -25.11
N TRP A 268 1.38 -6.79 -23.94
CA TRP A 268 -0.02 -6.30 -23.86
CA TRP A 268 -0.02 -6.33 -23.89
C TRP A 268 -0.28 -5.16 -24.86
N ALA A 269 0.78 -4.43 -25.27
CA ALA A 269 0.62 -3.39 -26.25
C ALA A 269 0.06 -3.95 -27.60
N LYS A 270 0.52 -5.15 -27.96
CA LYS A 270 -0.05 -5.83 -29.14
C LYS A 270 -1.56 -6.05 -29.16
N SER A 271 -2.22 -6.14 -28.01
CA SER A 271 -3.68 -6.34 -27.98
C SER A 271 -4.33 -5.15 -28.59
N GLU A 272 -3.72 -3.97 -28.48
CA GLU A 272 -4.29 -2.77 -29.10
C GLU A 272 -4.12 -2.78 -30.58
N TRP A 273 -2.98 -3.26 -31.04
CA TRP A 273 -2.75 -3.39 -32.46
C TRP A 273 -3.72 -4.37 -33.07
N SER A 274 -3.86 -5.55 -32.43
CA SER A 274 -4.72 -6.61 -33.00
C SER A 274 -6.20 -6.21 -33.00
N ALA A 275 -6.63 -5.53 -31.94
CA ALA A 275 -7.99 -5.04 -31.86
C ALA A 275 -8.28 -4.01 -32.95
N ALA A 276 -7.28 -3.23 -33.35
CA ALA A 276 -7.41 -2.24 -34.43
C ALA A 276 -7.23 -2.82 -35.84
N GLY A 277 -7.09 -4.15 -35.94
CA GLY A 277 -7.12 -4.87 -37.22
C GLY A 277 -5.76 -4.86 -37.91
N LYS A 278 -4.71 -4.60 -37.16
CA LYS A 278 -3.40 -4.28 -37.73
C LYS A 278 -2.57 -5.57 -37.86
N VAL A 279 -1.59 -5.53 -38.77
CA VAL A 279 -0.74 -6.68 -39.05
C VAL A 279 0.73 -6.35 -38.97
N ALA A 280 1.49 -7.24 -38.35
CA ALA A 280 2.93 -7.12 -38.28
C ALA A 280 3.53 -6.94 -39.67
N GLY A 281 4.70 -6.31 -39.74
CA GLY A 281 5.40 -6.11 -41.00
C GLY A 281 4.94 -4.81 -41.61
N LYS A 282 3.65 -4.77 -41.90
CA LYS A 282 3.08 -3.62 -42.55
C LYS A 282 2.73 -2.48 -41.56
N ASP A 283 2.10 -2.80 -40.45
CA ASP A 283 1.58 -1.77 -39.60
C ASP A 283 2.47 -1.58 -38.39
N TYR A 284 3.03 -2.66 -37.83
CA TYR A 284 3.94 -2.57 -36.73
C TYR A 284 5.03 -3.66 -36.78
N GLN A 285 6.13 -3.43 -36.07
CA GLN A 285 7.12 -4.45 -35.80
C GLN A 285 7.39 -4.49 -34.30
N CYS A 286 7.82 -5.65 -33.78
CA CYS A 286 8.13 -5.88 -32.37
C CYS A 286 9.64 -6.19 -32.41
N VAL A 287 10.47 -5.47 -31.65
CA VAL A 287 11.84 -5.83 -31.56
C VAL A 287 12.25 -5.88 -30.08
N ALA A 288 13.13 -6.80 -29.71
CA ALA A 288 13.60 -6.76 -28.36
C ALA A 288 14.14 -5.35 -28.00
N PHE A 289 13.85 -4.87 -26.77
CA PHE A 289 14.37 -3.58 -26.37
C PHE A 289 15.87 -3.56 -26.58
N PRO A 290 16.40 -2.51 -27.23
CA PRO A 290 17.82 -2.45 -27.56
C PRO A 290 18.80 -2.76 -26.44
N GLY A 291 19.60 -3.78 -26.71
CA GLY A 291 20.69 -4.26 -25.85
C GLY A 291 20.25 -5.34 -24.87
N THR A 292 18.95 -5.67 -24.90
CA THR A 292 18.40 -6.80 -24.13
C THR A 292 18.20 -8.09 -24.94
N GLN A 293 18.67 -8.14 -26.18
CA GLN A 293 18.51 -9.33 -27.00
C GLN A 293 19.13 -10.47 -26.19
N GLY A 294 18.46 -11.62 -26.15
CA GLY A 294 18.89 -12.78 -25.36
C GLY A 294 18.27 -12.87 -23.96
N SER A 295 17.62 -11.80 -23.53
CA SER A 295 16.97 -11.68 -22.18
C SER A 295 15.48 -11.50 -22.39
N PHE A 296 14.71 -12.07 -21.49
CA PHE A 296 13.29 -12.06 -21.53
C PHE A 296 12.82 -11.76 -20.11
N ALA A 297 12.23 -10.57 -19.95
CA ALA A 297 11.67 -10.01 -18.71
C ALA A 297 10.25 -10.49 -18.68
N TYR A 298 9.99 -11.50 -17.85
CA TYR A 298 8.64 -12.06 -17.85
C TYR A 298 7.70 -11.38 -16.88
N ASN A 299 6.45 -11.38 -17.29
CA ASN A 299 5.33 -11.03 -16.48
C ASN A 299 4.27 -12.08 -16.63
N ILE A 300 3.89 -12.72 -15.53
CA ILE A 300 2.93 -13.79 -15.62
CA ILE A 300 2.93 -13.82 -15.59
C ILE A 300 1.65 -13.33 -14.96
N ASP A 301 0.59 -13.17 -15.76
CA ASP A 301 -0.69 -12.88 -15.16
C ASP A 301 -1.26 -14.17 -14.54
N SER A 302 -1.70 -14.07 -13.30
CA SER A 302 -2.24 -15.24 -12.59
C SER A 302 -3.42 -14.90 -11.76
N LEU A 303 -4.30 -15.87 -11.54
CA LEU A 303 -5.51 -15.62 -10.82
C LEU A 303 -5.50 -16.40 -9.54
N ALA A 304 -5.30 -15.70 -8.44
CA ALA A 304 -5.32 -16.29 -7.09
C ALA A 304 -6.76 -16.54 -6.66
N MET A 305 -6.95 -17.73 -6.20
CA MET A 305 -8.30 -18.27 -5.89
C MET A 305 -8.53 -18.15 -4.40
N PHE A 306 -9.59 -17.44 -4.03
CA PHE A 306 -9.93 -17.24 -2.66
C PHE A 306 -10.84 -18.34 -2.17
N LYS A 307 -10.67 -18.68 -0.92
CA LYS A 307 -11.61 -19.58 -0.25
C LYS A 307 -13.01 -18.97 -0.29
N LEU A 308 -13.98 -19.69 -0.83
CA LEU A 308 -15.40 -19.22 -0.91
C LEU A 308 -16.28 -20.03 0.05
N LYS A 309 -17.44 -19.46 0.39
CA LYS A 309 -18.33 -20.08 1.33
C LYS A 309 -19.45 -20.79 0.55
N ASP A 310 -19.93 -20.21 -0.55
CA ASP A 310 -21.17 -20.69 -1.22
C ASP A 310 -20.91 -21.86 -2.13
N ALA A 311 -21.70 -22.92 -2.02
CA ALA A 311 -21.46 -24.20 -2.72
C ALA A 311 -21.43 -24.05 -4.24
N ASN A 312 -22.40 -23.34 -4.79
CA ASN A 312 -22.43 -23.13 -6.25
C ASN A 312 -21.32 -22.23 -6.81
N ASP A 313 -20.90 -21.25 -6.03
CA ASP A 313 -19.79 -20.41 -6.39
C ASP A 313 -18.44 -21.15 -6.33
N ILE A 314 -18.41 -22.16 -5.46
CA ILE A 314 -17.33 -23.07 -5.40
C ILE A 314 -17.26 -23.91 -6.71
N LYS A 315 -18.37 -24.42 -7.19
CA LYS A 315 -18.38 -25.14 -8.45
C LYS A 315 -17.89 -24.23 -9.60
N ALA A 316 -18.38 -22.99 -9.62
CA ALA A 316 -17.98 -22.00 -10.59
C ALA A 316 -16.52 -21.75 -10.55
N GLN A 317 -15.99 -21.63 -9.35
CA GLN A 317 -14.54 -21.36 -9.18
C GLN A 317 -13.74 -22.53 -9.71
N ASN A 318 -14.18 -23.74 -9.39
CA ASN A 318 -13.56 -24.95 -9.98
C ASN A 318 -13.63 -24.94 -11.51
N ASP A 319 -14.72 -24.46 -12.09
CA ASP A 319 -14.78 -24.37 -13.53
C ASP A 319 -13.78 -23.38 -14.08
N LEU A 320 -13.63 -22.24 -13.39
CA LEU A 320 -12.68 -21.23 -13.82
C LEU A 320 -11.27 -21.80 -13.83
N ALA A 321 -10.95 -22.53 -12.78
CA ALA A 321 -9.66 -23.19 -12.61
C ALA A 321 -9.41 -24.20 -13.72
N LYS A 322 -10.46 -24.94 -14.14
CA LYS A 322 -10.41 -25.84 -15.32
C LYS A 322 -10.13 -25.07 -16.64
N VAL A 323 -10.87 -23.98 -16.84
CA VAL A 323 -10.81 -23.25 -18.07
C VAL A 323 -9.43 -22.62 -18.34
N ALA A 324 -8.80 -22.09 -17.28
CA ALA A 324 -7.60 -21.27 -17.43
C ALA A 324 -6.51 -21.91 -18.28
N LEU A 325 -6.28 -23.19 -18.07
CA LEU A 325 -5.25 -23.89 -18.84
C LEU A 325 -5.85 -24.76 -19.98
N GLU A 326 -7.16 -24.74 -20.22
CA GLU A 326 -7.74 -25.45 -21.39
C GLU A 326 -7.04 -24.90 -22.67
N PRO A 327 -6.74 -25.74 -23.69
CA PRO A 327 -5.92 -25.21 -24.82
C PRO A 327 -6.69 -24.24 -25.74
N GLU A 328 -8.00 -24.39 -25.82
CA GLU A 328 -8.78 -23.50 -26.68
C GLU A 328 -8.80 -22.10 -26.04
N PHE A 329 -9.15 -22.03 -24.76
CA PHE A 329 -8.99 -20.79 -24.01
C PHE A 329 -7.54 -20.21 -24.05
N GLN A 330 -6.54 -21.04 -23.84
CA GLN A 330 -5.16 -20.55 -23.85
C GLN A 330 -4.82 -19.93 -25.16
N THR A 331 -5.38 -20.48 -26.24
CA THR A 331 -5.17 -19.97 -27.55
C THR A 331 -5.94 -18.64 -27.72
N VAL A 332 -7.26 -18.65 -27.59
CA VAL A 332 -8.05 -17.46 -27.95
C VAL A 332 -7.74 -16.26 -26.99
N PHE A 333 -7.64 -16.54 -25.73
CA PHE A 333 -7.29 -15.49 -24.75
C PHE A 333 -5.99 -14.82 -25.12
N ASN A 334 -4.95 -15.64 -25.33
CA ASN A 334 -3.65 -15.10 -25.65
C ASN A 334 -3.52 -14.41 -27.05
N GLN A 335 -4.25 -14.89 -28.04
CA GLN A 335 -4.29 -14.22 -29.37
C GLN A 335 -4.80 -12.83 -29.15
N ASN A 336 -5.81 -12.70 -28.29
CA ASN A 336 -6.36 -11.35 -28.08
C ASN A 336 -5.50 -10.54 -27.09
N LYS A 337 -4.84 -11.22 -26.13
CA LYS A 337 -4.15 -10.57 -25.03
C LYS A 337 -2.81 -9.98 -25.43
N GLY A 338 -2.12 -10.62 -26.41
CA GLY A 338 -0.79 -10.15 -26.83
C GLY A 338 0.36 -11.03 -26.34
N SER A 339 0.08 -11.81 -25.29
CA SER A 339 1.02 -12.67 -24.56
C SER A 339 1.15 -14.02 -25.16
N LEU A 340 2.18 -14.78 -24.77
CA LEU A 340 2.24 -16.17 -25.00
C LEU A 340 1.28 -16.94 -24.11
N PRO A 341 0.87 -18.13 -24.57
CA PRO A 341 0.21 -19.05 -23.64
C PRO A 341 1.21 -19.58 -22.66
N VAL A 342 0.76 -19.87 -21.44
CA VAL A 342 1.62 -20.41 -20.38
C VAL A 342 1.70 -21.92 -20.47
N ARG A 343 0.68 -22.57 -21.03
CA ARG A 343 0.67 -23.98 -21.21
C ARG A 343 1.74 -24.35 -22.23
N GLN A 344 2.54 -25.39 -21.93
CA GLN A 344 3.64 -25.77 -22.76
C GLN A 344 3.37 -26.65 -24.01
N ASP A 345 2.23 -27.26 -24.17
CA ASP A 345 2.14 -28.19 -25.32
C ASP A 345 1.47 -27.58 -26.54
N MET A 346 1.59 -26.24 -26.68
CA MET A 346 0.63 -25.52 -27.53
C MET A 346 1.05 -25.50 -29.02
N ASP A 347 0.07 -25.58 -29.92
CA ASP A 347 0.35 -25.39 -31.35
C ASP A 347 0.62 -23.88 -31.55
N MET A 348 1.90 -23.52 -31.54
CA MET A 348 2.29 -22.12 -31.70
C MET A 348 1.99 -21.48 -33.07
N SER A 349 1.67 -22.31 -34.04
CA SER A 349 1.42 -21.82 -35.43
C SER A 349 0.12 -21.04 -35.41
N LYS A 350 -0.73 -21.24 -34.40
CA LYS A 350 -2.00 -20.51 -34.31
C LYS A 350 -1.92 -19.07 -33.83
N PHE A 351 -0.74 -18.65 -33.41
CA PHE A 351 -0.51 -17.31 -32.99
C PHE A 351 0.26 -16.46 -34.00
N ASP A 352 0.29 -15.16 -33.77
CA ASP A 352 0.86 -14.27 -34.74
C ASP A 352 2.41 -14.31 -34.72
N ALA A 353 3.03 -13.61 -35.61
CA ALA A 353 4.47 -13.77 -35.85
C ALA A 353 5.22 -13.25 -34.61
N CYS A 354 4.72 -12.14 -34.08
CA CYS A 354 5.36 -11.52 -32.88
C CYS A 354 5.27 -12.46 -31.68
N THR A 355 4.15 -13.14 -31.51
CA THR A 355 3.98 -14.09 -30.40
C THR A 355 4.94 -15.26 -30.64
N GLN A 356 5.09 -15.70 -31.88
CA GLN A 356 6.06 -16.75 -32.19
C GLN A 356 7.58 -16.35 -32.00
N LYS A 357 7.90 -15.10 -32.32
CA LYS A 357 9.15 -14.44 -31.90
C LYS A 357 9.32 -14.53 -30.37
N SER A 358 8.31 -14.12 -29.62
CA SER A 358 8.40 -14.16 -28.15
C SER A 358 8.71 -15.63 -27.63
N ALA A 359 8.03 -16.63 -28.14
CA ALA A 359 8.26 -18.05 -27.77
C ALA A 359 9.71 -18.44 -28.00
N ALA A 360 10.23 -18.11 -29.18
CA ALA A 360 11.59 -18.46 -29.46
C ALA A 360 12.59 -17.76 -28.46
N ASP A 361 12.32 -16.50 -28.21
CA ASP A 361 13.17 -15.68 -27.42
C ASP A 361 13.09 -16.13 -25.95
N PHE A 362 11.91 -16.59 -25.56
CA PHE A 362 11.66 -17.17 -24.24
C PHE A 362 12.56 -18.40 -24.09
N LYS A 363 12.47 -19.30 -25.04
CA LYS A 363 13.28 -20.55 -25.07
C LYS A 363 14.79 -20.29 -24.98
N GLU A 364 15.24 -19.31 -25.74
CA GLU A 364 16.63 -18.94 -25.77
C GLU A 364 17.06 -18.41 -24.41
N ALA A 365 16.27 -17.48 -23.92
CA ALA A 365 16.51 -16.88 -22.63
C ALA A 365 16.53 -17.90 -21.49
N ALA A 366 15.58 -18.81 -21.50
CA ALA A 366 15.45 -19.79 -20.43
C ALA A 366 16.59 -20.85 -20.38
N LYS A 367 17.40 -20.94 -21.41
CA LYS A 367 18.57 -21.86 -21.39
C LYS A 367 19.71 -21.27 -20.60
N GLY A 368 19.73 -19.93 -20.49
CA GLY A 368 20.94 -19.20 -20.01
C GLY A 368 20.46 -18.55 -18.74
N ASP A 369 20.98 -17.38 -18.39
CA ASP A 369 20.35 -16.63 -17.29
C ASP A 369 19.63 -15.39 -17.83
N GLY A 370 19.28 -15.41 -19.13
CA GLY A 370 18.43 -14.38 -19.72
C GLY A 370 16.99 -14.27 -19.25
N LEU A 371 16.40 -15.31 -18.73
CA LEU A 371 15.00 -15.22 -18.25
C LEU A 371 14.95 -14.64 -16.86
N GLN A 372 14.22 -13.55 -16.68
CA GLN A 372 14.28 -12.80 -15.49
C GLN A 372 12.93 -12.18 -15.19
N PRO A 373 12.54 -12.14 -13.91
CA PRO A 373 11.29 -11.48 -13.67
C PRO A 373 11.29 -9.98 -13.78
N SER A 374 10.17 -9.47 -14.32
CA SER A 374 9.88 -8.05 -14.40
C SER A 374 9.65 -7.50 -12.99
N MET A 375 10.35 -6.39 -12.70
CA MET A 375 10.19 -5.68 -11.44
C MET A 375 8.97 -4.80 -11.56
N ALA A 376 8.83 -4.08 -12.65
CA ALA A 376 7.74 -3.15 -12.84
C ALA A 376 6.37 -3.88 -12.94
N HIS A 377 6.38 -5.24 -13.14
CA HIS A 377 5.17 -6.00 -13.28
C HIS A 377 5.01 -7.04 -12.19
N ASN A 378 5.67 -6.82 -11.07
CA ASN A 378 5.37 -7.47 -9.82
C ASN A 378 5.97 -8.85 -9.65
N MET A 379 6.92 -9.24 -10.50
CA MET A 379 7.46 -10.61 -10.44
C MET A 379 8.74 -10.72 -9.64
N ALA A 380 9.46 -9.63 -9.53
CA ALA A 380 10.79 -9.63 -8.94
C ALA A 380 10.82 -9.31 -7.45
N THR A 381 9.88 -8.49 -7.00
CA THR A 381 9.92 -7.96 -5.67
C THR A 381 8.55 -8.00 -5.01
N THR A 382 8.56 -7.65 -3.73
CA THR A 382 7.30 -7.45 -3.03
C THR A 382 6.78 -6.13 -3.52
N LEU A 383 5.51 -5.88 -3.30
CA LEU A 383 4.88 -4.60 -3.66
C LEU A 383 5.42 -3.41 -2.91
N ALA A 384 5.77 -3.58 -1.65
CA ALA A 384 6.43 -2.51 -0.92
C ALA A 384 7.76 -2.10 -1.57
N VAL A 385 8.62 -3.07 -1.91
CA VAL A 385 9.93 -2.69 -2.49
C VAL A 385 9.72 -2.11 -3.90
N GLN A 386 8.72 -2.62 -4.61
CA GLN A 386 8.39 -2.08 -5.92
C GLN A 386 7.99 -0.62 -5.80
N GLY A 387 7.12 -0.35 -4.83
CA GLY A 387 6.72 1.01 -4.57
C GLY A 387 7.83 2.04 -4.35
N ALA A 388 8.87 1.64 -3.61
CA ALA A 388 9.99 2.53 -3.37
C ALA A 388 10.73 2.80 -4.68
N ILE A 389 11.00 1.71 -5.43
CA ILE A 389 11.55 1.82 -6.76
C ILE A 389 10.74 2.78 -7.66
N PHE A 390 9.43 2.53 -7.77
CA PHE A 390 8.58 3.43 -8.60
C PHE A 390 8.79 4.92 -8.20
N ASP A 391 8.79 5.22 -6.90
CA ASP A 391 8.82 6.61 -6.44
C ASP A 391 10.17 7.26 -6.80
N VAL A 392 11.27 6.48 -6.73
CA VAL A 392 12.60 7.00 -7.01
C VAL A 392 12.69 7.21 -8.53
N VAL A 393 12.24 6.22 -9.29
CA VAL A 393 12.40 6.31 -10.74
C VAL A 393 11.62 7.52 -11.26
N THR A 394 10.36 7.64 -10.85
CA THR A 394 9.47 8.70 -11.31
C THR A 394 9.88 10.08 -10.84
N ASN A 395 10.21 10.25 -9.55
CA ASN A 395 10.77 11.50 -9.02
C ASN A 395 12.03 11.95 -9.78
N PHE A 396 12.88 11.01 -10.14
CA PHE A 396 14.06 11.31 -10.94
C PHE A 396 13.70 11.74 -12.36
N LEU A 397 12.98 10.88 -13.07
CA LEU A 397 12.59 11.14 -14.48
C LEU A 397 11.90 12.50 -14.64
N ASN A 398 11.06 12.85 -13.67
CA ASN A 398 10.28 14.09 -13.75
C ASN A 398 11.07 15.31 -13.31
N ASP A 399 12.35 15.14 -12.99
CA ASP A 399 13.17 16.34 -12.63
C ASP A 399 14.29 16.37 -13.62
N PRO A 400 14.17 17.19 -14.67
CA PRO A 400 15.20 17.28 -15.72
C PRO A 400 16.60 17.57 -15.21
N GLN A 401 16.74 18.18 -14.05
CA GLN A 401 18.04 18.56 -13.60
C GLN A 401 18.59 17.61 -12.53
N ALA A 402 17.93 16.49 -12.30
CA ALA A 402 18.34 15.55 -11.24
C ALA A 402 19.60 14.80 -11.57
N GLU A 403 20.41 14.54 -10.54
CA GLU A 403 21.71 13.87 -10.67
C GLU A 403 21.61 12.33 -10.50
N PRO A 404 21.96 11.59 -11.55
CA PRO A 404 22.03 10.13 -11.44
C PRO A 404 22.76 9.65 -10.17
N ALA A 405 23.87 10.25 -9.80
CA ALA A 405 24.57 9.81 -8.59
C ALA A 405 23.70 9.89 -7.34
N THR A 406 22.76 10.82 -7.32
CA THR A 406 21.86 10.97 -6.21
C THR A 406 20.77 9.95 -6.26
N ALA A 407 20.20 9.76 -7.45
CA ALA A 407 19.21 8.76 -7.68
C ALA A 407 19.56 7.32 -7.21
N VAL A 408 20.79 6.86 -7.40
CA VAL A 408 21.18 5.50 -6.95
C VAL A 408 21.25 5.43 -5.41
N LYS A 409 21.60 6.51 -4.74
CA LYS A 409 21.60 6.50 -3.30
C LYS A 409 20.19 6.37 -2.72
N GLN A 410 19.27 7.14 -3.30
CA GLN A 410 17.90 7.15 -2.90
C GLN A 410 17.31 5.79 -3.24
N LEU A 411 17.69 5.19 -4.36
CA LEU A 411 17.11 3.92 -4.71
C LEU A 411 17.41 2.89 -3.62
N ASN A 412 18.64 2.88 -3.17
CA ASN A 412 19.10 1.91 -2.22
C ASN A 412 18.47 2.22 -0.85
N ALA A 413 18.53 3.49 -0.42
CA ALA A 413 17.94 3.92 0.83
C ALA A 413 16.41 3.66 0.93
N ALA A 414 15.65 4.03 -0.09
CA ALA A 414 14.22 3.74 -0.12
C ALA A 414 13.91 2.24 -0.11
N ILE A 415 14.67 1.45 -0.88
CA ILE A 415 14.44 0.01 -0.83
C ILE A 415 14.63 -0.48 0.62
N LYS A 416 15.76 -0.16 1.23
CA LYS A 416 16.08 -0.57 2.61
C LYS A 416 14.99 -0.10 3.59
N ALA A 417 14.51 1.09 3.34
CA ALA A 417 13.46 1.68 4.17
C ALA A 417 12.08 1.02 4.00
N ALA A 418 11.92 0.20 2.97
CA ALA A 418 10.63 -0.44 2.66
C ALA A 418 10.44 -1.81 3.28
N ARG A 419 11.52 -2.49 3.65
CA ARG A 419 11.40 -3.88 4.17
C ARG A 419 11.73 -4.05 5.65
N ASN B 24 4.23 35.47 -1.54
CA ASN B 24 3.32 36.53 -1.96
C ASN B 24 2.03 35.86 -2.25
N PRO B 25 1.32 35.48 -1.17
CA PRO B 25 1.78 35.41 0.23
C PRO B 25 2.30 34.02 0.61
N GLY B 26 2.02 33.00 -0.18
CA GLY B 26 2.47 31.63 0.16
C GLY B 26 1.28 30.87 0.78
N THR B 27 1.13 29.65 0.34
CA THR B 27 0.01 28.80 0.68
C THR B 27 0.53 27.52 1.29
N VAL B 28 -0.13 27.07 2.35
CA VAL B 28 0.16 25.76 2.88
C VAL B 28 -0.99 24.78 2.57
N ASP B 29 -0.61 23.62 2.05
CA ASP B 29 -1.51 22.60 1.57
C ASP B 29 -1.20 21.45 2.44
N VAL B 30 -2.13 21.17 3.38
CA VAL B 30 -1.98 20.12 4.38
C VAL B 30 -2.86 18.88 4.16
N LEU B 31 -2.26 17.74 3.92
CA LEU B 31 -3.03 16.48 3.79
C LEU B 31 -3.13 15.80 5.13
N HIS B 32 -4.36 15.62 5.62
CA HIS B 32 -4.62 15.08 6.97
C HIS B 32 -5.97 14.43 6.99
N TRP B 33 -6.31 13.75 8.08
CA TRP B 33 -7.62 13.13 8.15
C TRP B 33 -8.40 13.54 9.41
N TRP B 34 -8.19 14.78 9.84
CA TRP B 34 -8.94 15.35 10.95
C TRP B 34 -10.26 15.97 10.54
N THR B 35 -11.29 15.11 10.53
CA THR B 35 -12.56 15.47 9.99
C THR B 35 -13.75 15.33 10.93
N SER B 36 -13.65 14.59 12.03
CA SER B 36 -14.78 14.55 12.96
C SER B 36 -14.97 15.92 13.59
N GLY B 37 -16.07 16.07 14.36
CA GLY B 37 -16.40 17.30 15.04
C GLY B 37 -15.26 17.75 15.90
N GLY B 38 -14.77 16.83 16.71
CA GLY B 38 -13.72 17.19 17.61
C GLY B 38 -12.40 17.45 16.91
N GLU B 39 -12.05 16.56 15.98
CA GLU B 39 -10.78 16.72 15.24
C GLU B 39 -10.81 17.98 14.34
N ALA B 40 -11.96 18.31 13.80
CA ALA B 40 -12.08 19.54 12.96
C ALA B 40 -11.83 20.81 13.81
N LYS B 41 -12.35 20.84 15.06
CA LYS B 41 -12.06 21.94 16.01
C LYS B 41 -10.57 22.13 16.23
N ALA B 42 -9.84 21.01 16.33
CA ALA B 42 -8.43 21.10 16.53
C ALA B 42 -7.71 21.64 15.31
N VAL B 43 -8.12 21.19 14.14
CA VAL B 43 -7.37 21.65 13.02
C VAL B 43 -7.74 23.10 12.69
N GLU B 44 -8.96 23.53 13.03
CA GLU B 44 -9.29 24.97 13.01
C GLU B 44 -8.25 25.79 13.77
N THR B 45 -7.83 25.30 14.93
CA THR B 45 -6.79 26.00 15.65
C THR B 45 -5.57 26.24 14.77
N LEU B 46 -5.18 25.25 13.95
CA LEU B 46 -3.96 25.33 13.14
C LEU B 46 -4.16 26.26 11.97
N LYS B 47 -5.25 26.01 11.25
CA LYS B 47 -5.72 26.86 10.11
C LYS B 47 -5.74 28.37 10.46
N GLN B 48 -6.34 28.69 11.57
CA GLN B 48 -6.49 30.04 12.01
C GLN B 48 -5.21 30.76 12.38
N GLN B 49 -4.25 29.99 12.91
CA GLN B 49 -2.94 30.56 13.18
C GLN B 49 -2.18 30.87 11.90
N ILE B 50 -2.14 29.90 10.98
CA ILE B 50 -1.55 30.11 9.65
C ILE B 50 -2.08 31.36 8.98
N GLN B 51 -3.42 31.61 9.09
CA GLN B 51 -4.05 32.72 8.42
C GLN B 51 -3.71 34.03 9.12
N LYS B 52 -3.67 33.97 10.45
CA LYS B 52 -3.24 35.09 11.27
C LYS B 52 -1.78 35.54 10.96
N ASP B 53 -0.92 34.57 10.69
CA ASP B 53 0.43 34.83 10.31
C ASP B 53 0.63 35.34 8.90
N GLY B 54 -0.40 35.32 8.07
CA GLY B 54 -0.31 36.01 6.80
C GLY B 54 -0.29 35.08 5.63
N PHE B 55 -0.55 33.77 5.85
CA PHE B 55 -0.51 32.77 4.76
C PHE B 55 -1.91 32.19 4.42
N ILE B 56 -1.96 31.55 3.27
CA ILE B 56 -3.16 30.91 2.80
C ILE B 56 -3.20 29.44 3.18
N TRP B 57 -4.37 28.97 3.63
CA TRP B 57 -4.57 27.56 3.90
C TRP B 57 -5.46 26.93 2.81
N LYS B 58 -4.94 25.91 2.16
CA LYS B 58 -5.67 25.08 1.20
C LYS B 58 -5.92 23.73 1.91
N ASP B 59 -7.17 23.38 2.18
CA ASP B 59 -7.50 22.15 2.88
C ASP B 59 -7.59 20.99 1.89
N ASN B 60 -6.85 19.95 2.24
CA ASN B 60 -6.92 18.65 1.58
C ASN B 60 -7.07 17.56 2.63
N ALA B 61 -8.09 17.74 3.46
CA ALA B 61 -8.54 16.69 4.37
C ALA B 61 -9.06 15.51 3.61
N VAL B 62 -8.60 14.31 3.95
CA VAL B 62 -9.16 13.11 3.37
C VAL B 62 -9.80 12.30 4.50
N ALA B 63 -11.11 12.16 4.47
CA ALA B 63 -11.79 11.59 5.63
C ALA B 63 -11.53 10.11 5.65
N GLY B 64 -11.30 9.59 6.84
CA GLY B 64 -11.19 8.18 7.06
C GLY B 64 -10.65 8.34 8.47
N GLY B 65 -10.88 7.35 9.30
CA GLY B 65 -10.42 7.40 10.70
C GLY B 65 -9.21 6.52 10.56
N GLY B 66 -8.12 6.89 11.20
CA GLY B 66 -6.89 6.12 11.18
C GLY B 66 -5.93 6.36 10.02
N GLY B 67 -6.45 6.98 8.98
CA GLY B 67 -5.66 7.51 7.86
C GLY B 67 -5.48 6.66 6.62
N ALA B 68 -6.06 5.44 6.56
CA ALA B 68 -5.89 4.64 5.32
C ALA B 68 -6.24 5.38 4.01
N ALA B 69 -7.40 6.03 3.98
CA ALA B 69 -7.86 6.87 2.89
C ALA B 69 -6.87 7.94 2.53
N ALA B 70 -6.35 8.60 3.56
CA ALA B 70 -5.40 9.69 3.34
C ALA B 70 -4.16 9.12 2.66
N MET B 71 -3.70 7.96 3.09
CA MET B 71 -2.42 7.44 2.58
C MET B 71 -2.57 7.05 1.13
N THR B 72 -3.71 6.47 0.71
CA THR B 72 -4.04 6.23 -0.73
C THR B 72 -3.91 7.50 -1.60
N VAL B 73 -4.45 8.61 -1.11
CA VAL B 73 -4.29 9.87 -1.80
C VAL B 73 -2.81 10.30 -1.76
N LEU B 74 -2.19 10.21 -0.60
CA LEU B 74 -0.78 10.59 -0.53
C LEU B 74 0.10 9.85 -1.59
N LYS B 75 -0.10 8.52 -1.73
CA LYS B 75 0.68 7.72 -2.68
C LYS B 75 0.72 8.36 -4.08
N THR B 76 -0.38 8.96 -4.53
CA THR B 76 -0.36 9.60 -5.83
C THR B 76 0.11 11.04 -5.73
N ARG B 77 -0.38 11.76 -4.74
CA ARG B 77 -0.02 13.19 -4.64
C ARG B 77 1.49 13.36 -4.37
N ALA B 78 2.07 12.46 -3.59
CA ALA B 78 3.42 12.66 -3.18
C ALA B 78 4.38 12.65 -4.35
N ILE B 79 4.09 11.89 -5.39
CA ILE B 79 4.95 11.87 -6.57
C ILE B 79 4.31 12.53 -7.79
N SER B 80 3.25 13.32 -7.56
CA SER B 80 2.59 14.04 -8.65
C SER B 80 3.40 15.25 -9.20
N GLY B 81 4.42 15.69 -8.47
CA GLY B 81 5.05 16.99 -8.83
C GLY B 81 4.23 18.20 -8.33
N ASN B 82 3.08 17.92 -7.71
CA ASN B 82 2.36 18.91 -6.90
C ASN B 82 2.08 18.27 -5.55
N PRO B 83 3.16 17.90 -4.81
CA PRO B 83 2.93 17.33 -3.53
C PRO B 83 2.35 18.32 -2.55
N PRO B 84 1.72 17.80 -1.50
CA PRO B 84 1.31 18.72 -0.44
C PRO B 84 2.51 19.42 0.24
N SER B 85 2.27 20.57 0.89
CA SER B 85 3.25 21.20 1.78
C SER B 85 3.64 20.23 2.89
N ALA B 86 2.63 19.55 3.45
CA ALA B 86 2.75 18.78 4.62
C ALA B 86 1.66 17.72 4.55
N ALA B 87 2.00 16.51 4.98
CA ALA B 87 1.09 15.42 5.17
C ALA B 87 1.29 14.81 6.54
N GLN B 88 0.22 14.22 7.00
CA GLN B 88 0.13 13.51 8.25
C GLN B 88 0.76 12.13 8.12
N ILE B 89 2.06 12.09 8.35
CA ILE B 89 2.85 10.90 8.13
C ILE B 89 3.54 10.64 9.43
N LYS B 90 3.52 9.35 9.85
CA LYS B 90 3.88 8.94 11.19
C LYS B 90 4.83 7.80 11.23
N GLY B 91 5.63 7.74 12.31
CA GLY B 91 6.38 6.56 12.63
C GLY B 91 7.39 6.20 11.60
N PRO B 92 7.69 4.92 11.51
CA PRO B 92 8.68 4.44 10.56
C PRO B 92 8.45 4.86 9.08
N ASP B 93 7.21 5.21 8.70
CA ASP B 93 6.95 5.60 7.36
C ASP B 93 7.70 6.90 6.97
N ILE B 94 7.91 7.82 7.92
CA ILE B 94 8.67 9.02 7.65
C ILE B 94 10.05 8.70 7.04
N GLN B 95 10.65 7.61 7.49
CA GLN B 95 11.94 7.23 7.03
C GLN B 95 11.96 6.87 5.51
N GLU B 96 10.89 6.21 5.04
CA GLU B 96 10.77 5.93 3.64
C GLU B 96 10.63 7.19 2.84
N TRP B 97 9.75 8.10 3.24
CA TRP B 97 9.61 9.36 2.51
CA TRP B 97 9.60 9.37 2.54
C TRP B 97 10.89 10.19 2.55
N GLY B 98 11.63 10.12 3.65
CA GLY B 98 12.94 10.77 3.71
C GLY B 98 13.92 10.20 2.75
N ALA B 99 13.91 8.87 2.70
CA ALA B 99 14.88 8.10 1.92
C ALA B 99 14.68 8.36 0.42
N LEU B 100 13.43 8.64 0.05
CA LEU B 100 13.13 8.99 -1.32
C LEU B 100 13.59 10.35 -1.68
N GLY B 101 14.04 11.16 -0.73
CA GLY B 101 14.47 12.46 -1.06
C GLY B 101 13.34 13.47 -1.28
N LEU B 102 12.11 13.13 -0.90
CA LEU B 102 10.94 13.99 -1.18
C LEU B 102 10.65 15.03 -0.12
N LEU B 103 11.21 14.80 1.07
CA LEU B 103 11.00 15.70 2.17
C LEU B 103 12.05 16.76 2.24
N THR B 104 11.68 17.87 2.90
CA THR B 104 12.65 18.96 3.05
C THR B 104 13.19 18.97 4.46
N GLU B 105 14.33 19.61 4.65
CA GLU B 105 14.93 19.74 5.99
C GLU B 105 14.50 20.99 6.73
N LEU B 106 14.15 20.83 8.00
CA LEU B 106 13.55 21.88 8.82
C LEU B 106 14.49 22.44 9.88
N ASP B 107 15.80 22.28 9.70
CA ASP B 107 16.78 22.63 10.74
C ASP B 107 16.82 24.10 11.08
N ASP B 108 16.42 24.90 10.12
CA ASP B 108 16.42 26.31 10.27
C ASP B 108 15.34 26.66 11.18
N VAL B 109 14.18 26.06 11.01
CA VAL B 109 13.06 26.32 11.98
C VAL B 109 13.36 25.70 13.34
N ALA B 110 13.92 24.50 13.31
CA ALA B 110 14.22 23.75 14.53
C ALA B 110 15.28 24.42 15.35
N ALA B 111 16.25 25.01 14.68
CA ALA B 111 17.35 25.72 15.39
C ALA B 111 16.81 26.97 16.01
N ALA B 112 16.07 27.73 15.23
CA ALA B 112 15.56 28.98 15.70
C ALA B 112 14.60 28.78 16.87
N ASN B 113 13.86 27.68 16.89
CA ASN B 113 12.81 27.45 17.88
C ASN B 113 13.24 26.45 18.98
N LYS B 114 14.51 26.06 18.92
CA LYS B 114 15.08 25.15 19.89
C LYS B 114 14.30 23.83 20.05
N TRP B 115 13.91 23.24 18.95
CA TRP B 115 13.16 22.00 19.04
C TRP B 115 13.83 20.87 19.81
N ASP B 116 15.15 20.74 19.74
CA ASP B 116 15.84 19.65 20.44
C ASP B 116 15.67 19.80 21.97
N ASP B 117 15.55 21.03 22.40
CA ASP B 117 15.26 21.34 23.81
C ASP B 117 13.79 21.22 24.19
N LEU B 118 12.88 21.35 23.21
CA LEU B 118 11.43 21.35 23.47
C LEU B 118 10.84 19.98 23.40
N LEU B 119 11.50 19.01 22.72
CA LEU B 119 10.94 17.71 22.50
C LEU B 119 11.67 16.58 23.27
N PRO B 120 10.93 15.61 23.83
CA PRO B 120 11.65 14.46 24.34
C PRO B 120 12.48 13.94 23.20
N ARG B 121 13.70 13.60 23.52
CA ARG B 121 14.59 12.87 22.61
C ARG B 121 13.92 11.69 21.85
N GLN B 122 13.16 10.86 22.56
CA GLN B 122 12.53 9.69 21.99
C GLN B 122 11.61 10.09 20.80
N VAL B 123 10.96 11.24 20.93
CA VAL B 123 10.08 11.79 19.95
C VAL B 123 10.87 12.41 18.79
N ALA B 124 11.82 13.24 19.14
CA ALA B 124 12.64 13.91 18.12
C ALA B 124 13.31 12.96 17.15
N ASP B 125 13.74 11.83 17.66
CA ASP B 125 14.47 10.92 16.77
C ASP B 125 13.56 10.38 15.67
N ILE B 126 12.29 10.24 15.99
CA ILE B 126 11.27 9.70 15.06
C ILE B 126 11.08 10.76 13.94
N MET B 127 11.38 12.02 14.24
CA MET B 127 11.14 13.13 13.29
C MET B 127 12.28 13.36 12.36
N LYS B 128 13.38 12.63 12.56
CA LYS B 128 14.58 12.91 11.79
C LYS B 128 14.94 11.84 10.74
N TYR B 129 15.50 12.31 9.62
CA TYR B 129 16.02 11.46 8.63
C TYR B 129 17.39 11.93 8.26
N ASP B 130 18.37 11.03 8.36
CA ASP B 130 19.75 11.33 8.06
C ASP B 130 20.20 12.55 8.87
N GLY B 131 19.75 12.62 10.11
CA GLY B 131 20.23 13.66 11.04
C GLY B 131 19.53 14.99 11.02
N HIS B 132 18.52 15.13 10.18
CA HIS B 132 17.76 16.41 10.07
C HIS B 132 16.30 16.25 10.35
N TYR B 133 15.65 17.23 10.94
CA TYR B 133 14.17 17.20 11.04
C TYR B 133 13.58 17.19 9.60
N VAL B 134 12.71 16.25 9.33
CA VAL B 134 11.93 16.26 8.08
C VAL B 134 10.41 16.27 8.33
N ALA B 135 10.03 16.23 9.60
CA ALA B 135 8.68 16.35 10.07
C ALA B 135 8.65 16.98 11.42
N VAL B 136 7.50 17.57 11.73
CA VAL B 136 7.23 18.14 13.01
C VAL B 136 6.09 17.47 13.80
N PRO B 137 6.28 17.17 15.10
CA PRO B 137 5.19 16.51 15.81
C PRO B 137 4.20 17.50 16.41
N VAL B 138 2.95 17.12 16.63
CA VAL B 138 2.03 18.07 17.24
C VAL B 138 1.54 17.64 18.65
N ASN B 139 1.71 16.35 19.00
CA ASN B 139 1.01 15.81 20.14
C ASN B 139 1.60 14.48 20.56
N ILE B 140 1.09 13.97 21.71
CA ILE B 140 1.26 12.57 22.10
C ILE B 140 -0.12 12.11 22.53
N HIS B 141 -0.75 11.34 21.66
CA HIS B 141 -1.93 10.61 21.99
C HIS B 141 -1.52 9.36 22.74
N ARG B 142 -2.41 8.85 23.57
CA ARG B 142 -2.30 7.56 24.13
C ARG B 142 -3.38 6.66 23.53
N VAL B 143 -2.96 5.48 23.08
CA VAL B 143 -3.87 4.54 22.43
C VAL B 143 -4.59 3.68 23.43
N ASN B 144 -3.94 3.31 24.52
CA ASN B 144 -4.45 2.25 25.41
C ASN B 144 -5.33 2.68 26.56
N TRP B 145 -6.40 3.39 26.18
CA TRP B 145 -7.44 3.80 27.13
C TRP B 145 -8.73 2.98 26.95
N LEU B 146 -9.51 3.01 28.04
CA LEU B 146 -10.89 2.56 28.08
C LEU B 146 -11.77 3.73 28.58
N TRP B 147 -12.79 4.03 27.79
CA TRP B 147 -13.75 5.12 28.08
CA TRP B 147 -13.74 5.11 28.12
C TRP B 147 -14.99 4.50 28.70
N ILE B 148 -15.33 5.05 29.88
CA ILE B 148 -16.39 4.59 30.74
C ILE B 148 -17.49 5.62 30.87
N ASN B 149 -18.73 5.21 30.73
CA ASN B 149 -19.87 6.11 31.12
C ASN B 149 -20.27 5.70 32.54
N PRO B 150 -19.83 6.45 33.56
CA PRO B 150 -20.15 6.05 34.95
C PRO B 150 -21.64 6.00 35.30
N GLN B 151 -22.46 6.80 34.61
CA GLN B 151 -23.90 6.84 34.84
C GLN B 151 -24.55 5.54 34.39
N VAL B 152 -24.11 5.06 33.23
CA VAL B 152 -24.59 3.77 32.73
C VAL B 152 -24.08 2.64 33.63
N PHE B 153 -22.84 2.79 34.08
CA PHE B 153 -22.26 1.81 34.99
C PHE B 153 -23.05 1.79 36.31
N ASP B 154 -23.33 2.95 36.88
CA ASP B 154 -24.10 3.03 38.11
C ASP B 154 -25.48 2.37 37.91
N LYS B 155 -26.16 2.73 36.82
CA LYS B 155 -27.46 2.08 36.51
C LYS B 155 -27.38 0.55 36.44
N ALA B 156 -26.41 0.04 35.69
CA ALA B 156 -26.23 -1.40 35.50
C ALA B 156 -25.70 -2.19 36.72
N GLY B 157 -25.15 -1.49 37.73
CA GLY B 157 -24.50 -2.12 38.85
C GLY B 157 -23.16 -2.73 38.51
N ALA B 158 -22.52 -2.28 37.44
CA ALA B 158 -21.27 -2.84 36.94
C ALA B 158 -20.12 -2.06 37.61
N LYS B 159 -19.00 -2.75 37.81
CA LYS B 159 -17.79 -2.19 38.38
C LYS B 159 -16.84 -1.79 37.27
N VAL B 160 -16.29 -0.56 37.35
CA VAL B 160 -15.32 -0.12 36.36
C VAL B 160 -14.17 -1.14 36.39
N PRO B 161 -13.79 -1.75 35.23
CA PRO B 161 -12.84 -2.89 35.22
C PRO B 161 -11.41 -2.50 35.39
N THR B 162 -10.71 -3.25 36.25
CA THR B 162 -9.25 -3.01 36.53
C THR B 162 -8.42 -4.19 35.94
N THR B 163 -9.10 -5.23 35.45
CA THR B 163 -8.49 -6.42 34.91
C THR B 163 -9.33 -6.92 33.70
N LEU B 164 -8.84 -7.87 32.92
CA LEU B 164 -9.61 -8.45 31.84
C LEU B 164 -10.81 -9.18 32.32
N ASP B 165 -10.67 -10.03 33.34
CA ASP B 165 -11.79 -10.73 33.88
C ASP B 165 -12.89 -9.71 34.27
N GLU B 166 -12.48 -8.58 34.80
CA GLU B 166 -13.45 -7.55 35.17
C GLU B 166 -14.10 -6.83 33.98
N LEU B 167 -13.39 -6.79 32.89
CA LEU B 167 -13.88 -6.20 31.64
C LEU B 167 -15.08 -6.97 31.16
N PHE B 168 -14.93 -8.30 31.20
CA PHE B 168 -15.92 -9.28 30.71
C PHE B 168 -17.10 -9.31 31.69
N ALA B 169 -16.82 -9.20 33.00
CA ALA B 169 -17.92 -9.15 34.02
C ALA B 169 -18.76 -7.87 33.87
N ALA B 170 -18.09 -6.75 33.60
CA ALA B 170 -18.77 -5.49 33.40
C ALA B 170 -19.57 -5.60 32.12
N ALA B 171 -18.99 -6.15 31.07
CA ALA B 171 -19.77 -6.45 29.84
C ALA B 171 -21.04 -7.27 30.14
N ASP B 172 -20.88 -8.30 30.96
CA ASP B 172 -21.99 -9.19 31.26
C ASP B 172 -23.11 -8.42 31.98
N LYS B 173 -22.73 -7.52 32.89
CA LYS B 173 -23.69 -6.79 33.72
C LYS B 173 -24.32 -5.72 32.90
N LEU B 174 -23.58 -5.13 31.99
CA LEU B 174 -24.17 -4.06 31.17
C LEU B 174 -25.22 -4.67 30.28
N LYS B 175 -24.87 -5.83 29.74
CA LYS B 175 -25.80 -6.56 28.88
C LYS B 175 -27.03 -6.98 29.68
N ALA B 176 -26.84 -7.53 30.87
CA ALA B 176 -27.97 -8.02 31.62
C ALA B 176 -28.93 -6.87 31.97
N ALA B 177 -28.36 -5.69 32.17
CA ALA B 177 -29.10 -4.47 32.52
C ALA B 177 -29.74 -3.72 31.30
N GLY B 178 -29.54 -4.27 30.11
CA GLY B 178 -30.18 -3.70 28.94
C GLY B 178 -29.41 -2.63 28.23
N PHE B 179 -28.12 -2.45 28.51
CA PHE B 179 -27.30 -1.50 27.81
C PHE B 179 -26.47 -2.22 26.72
N ILE B 180 -25.96 -1.47 25.77
CA ILE B 180 -24.94 -1.98 24.85
C ILE B 180 -23.64 -2.05 25.66
N PRO B 181 -23.02 -3.24 25.74
CA PRO B 181 -21.75 -3.27 26.56
C PRO B 181 -20.65 -2.38 26.04
N LEU B 182 -20.40 -2.49 24.75
CA LEU B 182 -19.23 -1.92 24.17
C LEU B 182 -19.58 -1.25 22.83
N ALA B 183 -19.27 0.02 22.71
CA ALA B 183 -19.44 0.74 21.47
C ALA B 183 -18.18 0.52 20.69
N HIS B 184 -18.29 -0.13 19.52
CA HIS B 184 -17.14 -0.41 18.65
C HIS B 184 -17.57 -0.30 17.18
N GLY B 185 -16.69 0.21 16.33
CA GLY B 185 -16.90 0.20 14.86
C GLY B 185 -16.09 -0.87 14.21
N GLY B 186 -16.61 -1.61 13.26
CA GLY B 186 -15.84 -2.69 12.70
C GLY B 186 -15.00 -2.29 11.51
N GLN B 187 -14.17 -1.28 11.66
CA GLN B 187 -13.17 -0.92 10.66
C GLN B 187 -11.81 -1.53 11.05
N PRO B 188 -10.94 -1.84 10.07
CA PRO B 188 -9.79 -2.69 10.51
C PRO B 188 -8.88 -2.04 11.54
N TRP B 189 -8.64 -0.76 11.43
CA TRP B 189 -7.76 -0.08 12.38
C TRP B 189 -8.37 -0.14 13.77
N GLN B 190 -9.71 -0.09 13.86
CA GLN B 190 -10.34 -0.18 15.20
C GLN B 190 -10.17 -1.53 15.83
N ASP B 191 -10.46 -2.55 15.05
CA ASP B 191 -10.22 -3.94 15.43
C ASP B 191 -8.79 -4.12 15.98
N SER B 192 -7.78 -3.56 15.29
CA SER B 192 -6.39 -3.77 15.73
C SER B 192 -6.00 -2.79 16.85
N THR B 193 -6.74 -1.71 17.05
CA THR B 193 -6.58 -0.93 18.25
C THR B 193 -6.93 -1.82 19.48
N VAL B 194 -8.03 -2.54 19.38
CA VAL B 194 -8.41 -3.46 20.46
C VAL B 194 -7.42 -4.62 20.62
N PHE B 195 -7.01 -5.18 19.53
CA PHE B 195 -6.10 -6.31 19.58
C PHE B 195 -4.74 -5.95 20.18
N GLU B 196 -4.16 -4.82 19.79
CA GLU B 196 -2.96 -4.37 20.45
C GLU B 196 -3.12 -4.04 21.89
N ASP B 197 -4.28 -3.59 22.33
CA ASP B 197 -4.54 -3.42 23.74
C ASP B 197 -4.45 -4.74 24.50
N LEU B 198 -5.03 -5.79 23.92
CA LEU B 198 -5.04 -7.10 24.45
C LEU B 198 -3.61 -7.68 24.47
N VAL B 199 -2.85 -7.47 23.42
CA VAL B 199 -1.47 -7.88 23.40
C VAL B 199 -0.72 -7.18 24.54
N LEU B 200 -0.88 -5.86 24.68
CA LEU B 200 -0.13 -5.07 25.67
C LEU B 200 -0.51 -5.61 27.07
N SER B 201 -1.79 -5.93 27.23
CA SER B 201 -2.33 -6.33 28.50
C SER B 201 -1.77 -7.72 28.91
N ILE B 202 -1.83 -8.67 27.98
CA ILE B 202 -1.59 -10.08 28.28
C ILE B 202 -0.11 -10.36 28.22
N LEU B 203 0.56 -9.84 27.19
CA LEU B 203 2.03 -10.01 27.08
C LEU B 203 2.93 -9.06 27.90
N GLY B 204 2.43 -7.94 28.31
CA GLY B 204 3.24 -6.87 28.90
C GLY B 204 3.96 -6.09 27.81
N PRO B 205 4.57 -5.00 28.19
CA PRO B 205 5.23 -4.10 27.22
C PRO B 205 6.45 -4.64 26.51
N LYS B 206 7.26 -5.43 27.20
CA LYS B 206 8.44 -6.04 26.56
C LYS B 206 8.02 -7.09 25.56
N GLY B 207 7.02 -7.90 25.96
CA GLY B 207 6.42 -8.84 25.02
C GLY B 207 5.76 -8.19 23.82
N TYR B 208 5.00 -7.17 24.07
CA TYR B 208 4.43 -6.37 22.98
C TYR B 208 5.56 -5.82 22.04
N HIS B 209 6.70 -5.45 22.63
CA HIS B 209 7.76 -4.86 21.86
C HIS B 209 8.35 -5.89 21.01
N ALA B 210 8.58 -7.07 21.58
CA ALA B 210 9.17 -8.20 20.85
C ALA B 210 8.31 -8.61 19.66
N ALA B 211 7.00 -8.54 19.84
CA ALA B 211 6.01 -8.93 18.81
C ALA B 211 5.93 -7.94 17.68
N PHE B 212 5.73 -6.68 18.05
CA PHE B 212 5.39 -5.69 17.05
C PHE B 212 6.57 -4.85 16.60
N VAL B 213 7.54 -4.51 17.47
CA VAL B 213 8.71 -3.80 16.99
C VAL B 213 9.76 -4.74 16.41
N ASP B 214 10.17 -5.72 17.21
CA ASP B 214 11.05 -6.73 16.75
C ASP B 214 10.51 -7.78 15.81
N LEU B 215 9.19 -7.92 15.73
CA LEU B 215 8.59 -9.02 14.92
C LEU B 215 9.26 -10.42 15.19
N ASP B 216 9.40 -10.73 16.47
CA ASP B 216 10.02 -11.99 16.96
C ASP B 216 9.12 -13.16 16.70
N GLU B 217 9.59 -14.16 15.95
CA GLU B 217 8.76 -15.27 15.58
C GLU B 217 8.22 -15.98 16.78
N LYS B 218 9.09 -16.28 17.75
CA LYS B 218 8.73 -17.10 18.89
C LYS B 218 7.60 -16.39 19.62
N THR B 219 7.74 -15.08 19.72
CA THR B 219 6.77 -14.24 20.47
C THR B 219 5.44 -14.19 19.73
N LEU B 220 5.56 -14.03 18.42
CA LEU B 220 4.37 -13.95 17.56
C LEU B 220 3.56 -15.22 17.52
N THR B 221 4.21 -16.40 17.68
CA THR B 221 3.54 -17.68 17.57
C THR B 221 3.40 -18.44 18.89
N GLY B 222 3.62 -17.76 19.99
CA GLY B 222 3.68 -18.44 21.29
C GLY B 222 2.36 -18.44 22.04
N PRO B 223 2.36 -19.10 23.24
CA PRO B 223 1.17 -19.29 24.04
C PRO B 223 0.51 -17.98 24.42
N GLN B 224 1.30 -16.96 24.72
CA GLN B 224 0.65 -15.71 25.16
C GLN B 224 -0.05 -14.97 24.05
N MET B 225 0.58 -14.84 22.89
CA MET B 225 -0.13 -14.26 21.71
C MET B 225 -1.39 -15.07 21.36
N THR B 226 -1.30 -16.37 21.52
CA THR B 226 -2.42 -17.30 21.28
C THR B 226 -3.58 -16.90 22.22
N GLU B 227 -3.29 -16.66 23.50
N GLU B 227 -3.26 -16.67 23.48
CA GLU B 227 -4.33 -16.24 24.44
CA GLU B 227 -4.22 -16.21 24.48
C GLU B 227 -4.92 -14.82 24.13
C GLU B 227 -4.88 -14.86 24.11
N ALA B 228 -4.07 -13.92 23.60
CA ALA B 228 -4.58 -12.65 23.09
C ALA B 228 -5.64 -12.87 21.99
N PHE B 229 -5.39 -13.74 21.00
CA PHE B 229 -6.49 -14.10 20.05
C PHE B 229 -7.72 -14.72 20.73
N ALA B 230 -7.49 -15.56 21.73
CA ALA B 230 -8.62 -16.27 22.35
C ALA B 230 -9.42 -15.21 23.03
N THR B 231 -8.76 -14.24 23.66
CA THR B 231 -9.43 -13.15 24.36
C THR B 231 -10.16 -12.21 23.41
N LEU B 232 -9.53 -11.87 22.29
CA LEU B 232 -10.16 -11.11 21.20
C LEU B 232 -11.43 -11.80 20.73
N LYS B 233 -11.36 -13.12 20.53
CA LYS B 233 -12.54 -13.88 20.02
C LYS B 233 -13.67 -13.71 21.03
N ARG B 234 -13.32 -13.80 22.33
CA ARG B 234 -14.32 -13.63 23.40
C ARG B 234 -14.91 -12.24 23.37
N LEU B 235 -14.03 -11.23 23.29
CA LEU B 235 -14.43 -9.85 23.29
C LEU B 235 -15.32 -9.56 22.06
N GLY B 236 -15.11 -10.31 20.97
CA GLY B 236 -15.95 -10.18 19.76
C GLY B 236 -17.39 -10.63 19.95
N THR B 237 -17.62 -11.62 20.82
CA THR B 237 -18.97 -12.06 21.15
C THR B 237 -19.76 -10.97 21.85
N TYR B 238 -19.09 -9.89 22.27
CA TYR B 238 -19.76 -8.75 22.92
C TYR B 238 -20.02 -7.62 21.95
N MET B 239 -19.18 -7.46 20.96
CA MET B 239 -19.49 -6.55 19.86
C MET B 239 -20.79 -6.79 19.01
N ASP B 240 -21.30 -5.69 18.44
CA ASP B 240 -22.44 -5.67 17.54
C ASP B 240 -22.10 -6.32 16.22
N PRO B 241 -23.01 -7.18 15.70
CA PRO B 241 -22.85 -7.73 14.35
C PRO B 241 -22.98 -6.74 13.16
N ASN B 242 -23.76 -5.67 13.28
CA ASN B 242 -23.94 -4.75 12.13
C ASN B 242 -22.92 -3.56 12.12
N ARG B 243 -22.03 -3.53 13.10
CA ARG B 243 -21.01 -2.45 13.24
C ARG B 243 -20.18 -2.16 11.96
N ALA B 244 -20.09 -3.17 11.09
CA ALA B 244 -19.35 -3.07 9.82
C ALA B 244 -19.53 -1.63 9.48
N GLY B 245 -18.42 -0.94 9.26
CA GLY B 245 -18.45 0.40 8.74
C GLY B 245 -18.57 1.61 9.63
N ARG B 246 -18.95 1.42 10.90
CA ARG B 246 -19.19 2.55 11.80
C ARG B 246 -17.96 3.31 12.36
N ASP B 247 -17.92 4.63 12.19
CA ASP B 247 -16.76 5.46 12.54
C ASP B 247 -16.56 5.55 14.03
N TRP B 248 -15.32 5.78 14.44
CA TRP B 248 -14.98 5.88 15.86
C TRP B 248 -15.67 6.99 16.65
N ASN B 249 -15.94 8.13 16.01
CA ASN B 249 -16.73 9.22 16.64
C ASN B 249 -18.21 8.92 16.85
N ILE B 250 -18.72 8.06 15.99
CA ILE B 250 -20.06 7.63 16.10
C ILE B 250 -20.20 6.58 17.20
N ALA B 251 -19.24 5.66 17.27
CA ALA B 251 -19.18 4.78 18.42
C ALA B 251 -19.05 5.61 19.71
N ALA B 252 -18.20 6.62 19.70
CA ALA B 252 -18.03 7.51 20.85
C ALA B 252 -19.38 8.07 21.26
N ALA B 253 -20.16 8.56 20.30
CA ALA B 253 -21.43 9.15 20.69
C ALA B 253 -22.41 8.16 21.33
N GLU B 254 -22.34 6.87 20.97
CA GLU B 254 -23.11 5.76 21.67
C GLU B 254 -22.88 5.79 23.19
N VAL B 255 -21.65 6.08 23.60
CA VAL B 255 -21.28 6.18 25.00
C VAL B 255 -21.70 7.51 25.54
N ILE B 256 -21.35 8.58 24.83
CA ILE B 256 -21.76 9.91 25.24
C ILE B 256 -23.29 9.98 25.44
N ASN B 257 -24.08 9.42 24.53
CA ASN B 257 -25.55 9.38 24.68
C ASN B 257 -26.08 8.35 25.73
N GLY B 258 -25.22 7.70 26.50
CA GLY B 258 -25.70 6.79 27.54
C GLY B 258 -26.36 5.53 27.01
N LYS B 259 -26.09 5.18 25.75
CA LYS B 259 -26.66 3.96 25.16
C LYS B 259 -25.71 2.76 25.37
N ALA B 260 -24.43 3.07 25.54
CA ALA B 260 -23.39 2.09 25.75
C ALA B 260 -22.56 2.49 26.96
N GLY B 261 -22.04 1.49 27.66
CA GLY B 261 -21.18 1.70 28.83
C GLY B 261 -19.71 1.96 28.54
N MET B 262 -19.16 1.50 27.42
CA MET B 262 -17.72 1.48 27.26
C MET B 262 -17.32 1.65 25.84
N GLN B 263 -16.22 2.35 25.61
CA GLN B 263 -15.52 2.24 24.31
C GLN B 263 -14.04 2.08 24.50
N ILE B 264 -13.47 1.20 23.69
CA ILE B 264 -12.03 0.98 23.69
C ILE B 264 -11.42 1.83 22.59
N MET B 265 -10.71 2.87 22.96
CA MET B 265 -10.21 3.83 21.98
C MET B 265 -9.17 4.75 22.54
N GLY B 266 -8.31 5.20 21.67
CA GLY B 266 -7.33 6.17 22.04
C GLY B 266 -7.92 7.51 22.44
N ASP B 267 -7.07 8.40 22.97
CA ASP B 267 -7.63 9.68 23.50
C ASP B 267 -8.12 10.79 22.54
N TRP B 268 -7.99 10.59 21.25
CA TRP B 268 -8.77 11.39 20.29
C TRP B 268 -10.25 11.23 20.54
N ALA B 269 -10.66 10.11 21.18
CA ALA B 269 -12.01 9.98 21.69
C ALA B 269 -12.48 11.20 22.47
N LYS B 270 -11.58 11.73 23.30
CA LYS B 270 -11.90 12.78 24.25
C LYS B 270 -12.25 14.08 23.52
N SER B 271 -11.77 14.25 22.30
CA SER B 271 -12.15 15.42 21.50
C SER B 271 -13.66 15.45 21.26
N GLU B 272 -14.29 14.29 21.16
CA GLU B 272 -15.71 14.26 21.00
C GLU B 272 -16.42 14.64 22.29
N TRP B 273 -15.94 14.06 23.38
CA TRP B 273 -16.51 14.37 24.69
C TRP B 273 -16.36 15.84 24.99
N SER B 274 -15.12 16.36 24.86
CA SER B 274 -14.78 17.79 24.96
C SER B 274 -15.71 18.66 24.09
N ALA B 275 -15.89 18.25 22.84
CA ALA B 275 -16.71 18.97 21.88
C ALA B 275 -18.19 19.07 22.29
N ALA B 276 -18.69 18.02 22.94
CA ALA B 276 -20.08 17.96 23.41
C ALA B 276 -20.29 18.61 24.77
N GLY B 277 -19.28 19.30 25.28
CA GLY B 277 -19.35 19.92 26.60
C GLY B 277 -19.30 18.95 27.78
N LYS B 278 -18.81 17.74 27.59
CA LYS B 278 -18.74 16.80 28.71
C LYS B 278 -17.44 17.00 29.50
N VAL B 279 -17.48 16.59 30.77
CA VAL B 279 -16.44 16.89 31.74
C VAL B 279 -15.79 15.56 32.17
N ALA B 280 -14.47 15.59 32.21
CA ALA B 280 -13.67 14.45 32.50
C ALA B 280 -13.80 14.09 33.95
N GLY B 281 -14.77 13.26 34.30
CA GLY B 281 -14.87 12.78 35.66
C GLY B 281 -16.25 12.60 36.24
N LYS B 282 -17.17 13.47 35.87
CA LYS B 282 -18.58 13.28 36.17
C LYS B 282 -19.29 12.66 34.99
N ASP B 283 -18.91 13.04 33.77
CA ASP B 283 -19.59 12.53 32.57
C ASP B 283 -18.91 11.32 31.98
N TYR B 284 -17.62 11.26 32.12
CA TYR B 284 -16.91 10.11 31.65
C TYR B 284 -15.71 9.84 32.51
N GLN B 285 -15.23 8.58 32.49
CA GLN B 285 -13.92 8.23 33.03
C GLN B 285 -13.01 7.64 31.98
N CYS B 286 -11.73 7.92 32.15
CA CYS B 286 -10.68 7.39 31.32
C CYS B 286 -9.87 6.47 32.23
N VAL B 287 -9.77 5.18 31.90
CA VAL B 287 -8.93 4.29 32.68
C VAL B 287 -8.04 3.58 31.70
N ALA B 288 -6.83 3.30 32.12
CA ALA B 288 -5.94 2.50 31.30
C ALA B 288 -6.70 1.24 30.89
N PHE B 289 -6.48 0.79 29.68
CA PHE B 289 -7.05 -0.46 29.23
C PHE B 289 -6.69 -1.58 30.22
N PRO B 290 -7.69 -2.33 30.70
CA PRO B 290 -7.45 -3.25 31.81
C PRO B 290 -6.26 -4.18 31.56
N GLY B 291 -5.34 -4.17 32.53
CA GLY B 291 -4.15 -4.99 32.45
C GLY B 291 -2.95 -4.27 31.85
N THR B 292 -3.15 -3.03 31.40
CA THR B 292 -2.07 -2.21 30.76
C THR B 292 -1.53 -1.08 31.65
N GLN B 293 -2.01 -1.01 32.88
CA GLN B 293 -1.57 0.00 33.86
C GLN B 293 -0.04 -0.05 33.83
N GLY B 294 0.60 1.12 33.78
CA GLY B 294 2.09 1.20 33.74
C GLY B 294 2.68 1.25 32.33
N SER B 295 1.85 0.96 31.34
CA SER B 295 2.22 0.99 29.93
C SER B 295 1.48 2.13 29.22
N PHE B 296 2.15 2.73 28.23
CA PHE B 296 1.67 3.86 27.49
C PHE B 296 1.98 3.58 26.02
N ALA B 297 0.96 3.22 25.26
CA ALA B 297 1.13 2.98 23.87
C ALA B 297 0.98 4.31 23.12
N TYR B 298 2.04 4.83 22.55
CA TYR B 298 1.94 6.21 22.05
C TYR B 298 1.64 6.31 20.58
N ASN B 299 0.94 7.38 20.21
CA ASN B 299 0.67 7.70 18.87
C ASN B 299 0.99 9.20 18.66
N ILE B 300 2.01 9.51 17.88
CA ILE B 300 2.45 10.90 17.69
C ILE B 300 2.03 11.36 16.28
N ASP B 301 1.11 12.32 16.23
CA ASP B 301 0.74 12.87 14.99
C ASP B 301 1.86 13.79 14.60
N SER B 302 2.18 13.74 13.34
CA SER B 302 3.31 14.52 12.82
C SER B 302 3.06 14.91 11.37
N LEU B 303 3.66 16.01 10.95
CA LEU B 303 3.42 16.49 9.62
C LEU B 303 4.76 16.48 8.97
N ALA B 304 4.89 15.69 7.91
CA ALA B 304 6.10 15.66 7.15
C ALA B 304 6.03 16.67 6.06
N MET B 305 7.13 17.37 5.85
CA MET B 305 7.14 18.53 4.94
C MET B 305 7.86 18.17 3.61
N PHE B 306 7.18 18.37 2.50
CA PHE B 306 7.67 18.02 1.19
C PHE B 306 8.46 19.18 0.58
N LYS B 307 9.48 18.86 -0.20
CA LYS B 307 10.24 19.83 -0.89
C LYS B 307 9.35 20.50 -1.91
N LEU B 308 9.28 21.81 -1.87
CA LEU B 308 8.52 22.61 -2.79
C LEU B 308 9.43 23.47 -3.66
N LYS B 309 8.88 24.07 -4.70
CA LYS B 309 9.67 24.91 -5.59
C LYS B 309 9.48 26.41 -5.40
N ASP B 310 8.31 26.84 -4.93
CA ASP B 310 8.00 28.23 -4.85
C ASP B 310 8.45 28.78 -3.50
N ALA B 311 9.28 29.83 -3.53
CA ALA B 311 9.90 30.33 -2.28
C ALA B 311 8.89 30.95 -1.29
N ASN B 312 7.84 31.47 -1.83
CA ASN B 312 6.82 31.99 -0.94
C ASN B 312 6.01 30.86 -0.27
N ASP B 313 5.76 29.80 -1.03
CA ASP B 313 5.10 28.63 -0.46
C ASP B 313 6.04 28.02 0.62
N ILE B 314 7.34 28.19 0.39
CA ILE B 314 8.34 27.65 1.32
C ILE B 314 8.23 28.43 2.64
N LYS B 315 8.12 29.74 2.60
CA LYS B 315 7.93 30.52 3.83
C LYS B 315 6.68 30.10 4.58
N ALA B 316 5.61 29.82 3.84
CA ALA B 316 4.42 29.34 4.49
C ALA B 316 4.62 28.04 5.23
N GLN B 317 5.41 27.16 4.62
CA GLN B 317 5.65 25.85 5.14
C GLN B 317 6.46 26.00 6.41
N ASN B 318 7.47 26.85 6.36
CA ASN B 318 8.26 27.18 7.54
C ASN B 318 7.44 27.74 8.66
N ASP B 319 6.46 28.58 8.36
CA ASP B 319 5.56 29.06 9.41
C ASP B 319 4.71 27.97 10.02
N LEU B 320 4.20 27.08 9.20
CA LEU B 320 3.49 25.91 9.69
C LEU B 320 4.29 25.04 10.61
N ALA B 321 5.52 24.83 10.20
CA ALA B 321 6.46 24.07 10.97
C ALA B 321 6.68 24.70 12.36
N LYS B 322 6.84 26.03 12.36
CA LYS B 322 7.08 26.79 13.57
C LYS B 322 5.80 26.69 14.43
N VAL B 323 4.63 27.03 13.83
CA VAL B 323 3.42 27.04 14.59
C VAL B 323 3.15 25.75 15.41
N ALA B 324 3.53 24.61 14.85
CA ALA B 324 3.27 23.29 15.43
C ALA B 324 3.79 23.21 16.87
N LEU B 325 4.93 23.87 17.11
CA LEU B 325 5.54 23.82 18.44
C LEU B 325 5.49 25.10 19.24
N GLU B 326 4.72 26.10 18.79
CA GLU B 326 4.53 27.30 19.62
C GLU B 326 3.72 26.95 20.89
N PRO B 327 3.92 27.66 22.02
CA PRO B 327 3.24 27.25 23.24
C PRO B 327 1.72 27.46 23.20
N GLU B 328 1.25 28.59 22.71
CA GLU B 328 -0.21 28.81 22.69
C GLU B 328 -0.92 27.74 21.82
N PHE B 329 -0.39 27.50 20.60
CA PHE B 329 -0.82 26.37 19.76
C PHE B 329 -0.80 24.98 20.46
N GLN B 330 0.32 24.66 21.13
CA GLN B 330 0.45 23.39 21.80
C GLN B 330 -0.64 23.22 22.85
N THR B 331 -0.98 24.31 23.57
CA THR B 331 -2.07 24.25 24.50
C THR B 331 -3.46 24.12 23.84
N VAL B 332 -3.77 25.01 22.89
CA VAL B 332 -5.12 25.05 22.30
C VAL B 332 -5.43 23.84 21.41
N PHE B 333 -4.50 23.49 20.54
CA PHE B 333 -4.70 22.33 19.67
C PHE B 333 -4.93 21.09 20.50
N ASN B 334 -4.08 20.89 21.51
CA ASN B 334 -4.20 19.73 22.35
C ASN B 334 -5.39 19.68 23.25
N GLN B 335 -5.87 20.82 23.77
CA GLN B 335 -7.15 20.84 24.46
C GLN B 335 -8.28 20.25 23.60
N ASN B 336 -8.27 20.66 22.34
CA ASN B 336 -9.32 20.33 21.43
C ASN B 336 -9.11 18.96 20.90
N LYS B 337 -7.83 18.55 20.78
CA LYS B 337 -7.52 17.28 20.19
C LYS B 337 -7.66 16.04 21.12
N GLY B 338 -7.52 16.22 22.46
CA GLY B 338 -7.66 15.16 23.43
C GLY B 338 -6.33 14.47 23.79
N SER B 339 -5.30 14.90 23.10
CA SER B 339 -3.87 14.43 23.31
C SER B 339 -3.08 15.29 24.36
N LEU B 340 -1.97 14.78 24.89
CA LEU B 340 -0.96 15.60 25.54
C LEU B 340 -0.26 16.53 24.56
N PRO B 341 0.29 17.64 25.05
CA PRO B 341 1.22 18.42 24.26
C PRO B 341 2.44 17.55 24.06
N VAL B 342 3.10 17.69 22.91
CA VAL B 342 4.33 17.02 22.62
C VAL B 342 5.49 17.90 23.20
N ARG B 343 5.30 19.20 23.25
CA ARG B 343 6.28 20.12 23.83
C ARG B 343 6.39 19.87 25.31
N GLN B 344 7.62 19.90 25.85
CA GLN B 344 7.92 19.61 27.28
C GLN B 344 7.67 20.81 28.15
N ASP B 345 7.46 20.61 29.44
CA ASP B 345 7.43 21.73 30.34
C ASP B 345 6.23 22.70 30.11
N MET B 346 5.10 22.20 29.64
CA MET B 346 3.87 23.03 29.58
CA MET B 346 3.92 23.07 29.61
C MET B 346 3.16 23.13 30.94
N ASP B 347 2.47 24.24 31.16
CA ASP B 347 1.56 24.35 32.27
C ASP B 347 0.44 23.24 32.14
N MET B 348 0.55 22.15 32.88
CA MET B 348 -0.42 21.08 32.79
C MET B 348 -1.75 21.37 33.45
N SER B 349 -1.83 22.48 34.17
CA SER B 349 -3.08 22.91 34.75
C SER B 349 -4.07 23.36 33.68
N LYS B 350 -3.56 23.69 32.51
CA LYS B 350 -4.41 24.20 31.46
C LYS B 350 -5.19 23.06 30.74
N PHE B 351 -4.85 21.81 31.07
CA PHE B 351 -5.43 20.60 30.45
C PHE B 351 -6.40 19.93 31.42
N ASP B 352 -7.28 19.09 30.92
CA ASP B 352 -8.27 18.47 31.80
C ASP B 352 -7.66 17.32 32.61
N ALA B 353 -8.47 16.78 33.54
CA ALA B 353 -8.07 15.67 34.42
C ALA B 353 -7.62 14.44 33.67
N CYS B 354 -8.25 14.10 32.56
CA CYS B 354 -7.80 12.96 31.80
C CYS B 354 -6.42 13.18 31.15
N THR B 355 -6.20 14.34 30.56
CA THR B 355 -4.90 14.65 30.02
C THR B 355 -3.81 14.72 31.13
N GLN B 356 -4.14 15.27 32.29
CA GLN B 356 -3.21 15.22 33.43
C GLN B 356 -2.90 13.79 33.88
N LYS B 357 -3.93 12.95 33.92
CA LYS B 357 -3.72 11.53 34.11
C LYS B 357 -2.77 11.00 33.09
N SER B 358 -2.96 11.32 31.81
CA SER B 358 -2.08 10.84 30.74
C SER B 358 -0.64 11.32 30.97
N ALA B 359 -0.48 12.57 31.31
CA ALA B 359 0.87 13.15 31.62
C ALA B 359 1.54 12.35 32.71
N ALA B 360 0.84 12.04 33.79
CA ALA B 360 1.45 11.24 34.85
C ALA B 360 1.87 9.82 34.42
N ASP B 361 1.02 9.17 33.61
CA ASP B 361 1.27 7.81 33.15
C ASP B 361 2.43 7.82 32.15
N PHE B 362 2.49 8.85 31.34
CA PHE B 362 3.55 8.94 30.34
C PHE B 362 4.91 9.06 31.07
N LYS B 363 4.94 9.87 32.12
CA LYS B 363 6.12 10.12 32.95
C LYS B 363 6.57 8.79 33.50
N GLU B 364 5.67 8.05 34.14
CA GLU B 364 6.02 6.68 34.59
C GLU B 364 6.59 5.77 33.45
N ALA B 365 5.85 5.61 32.36
CA ALA B 365 6.20 4.71 31.30
C ALA B 365 7.51 5.05 30.58
N ALA B 366 7.78 6.31 30.39
CA ALA B 366 8.97 6.76 29.62
C ALA B 366 10.30 6.41 30.26
N LYS B 367 10.30 6.15 31.55
CA LYS B 367 11.56 5.71 32.26
C LYS B 367 12.07 4.34 31.84
N GLY B 368 11.26 3.57 31.11
CA GLY B 368 11.70 2.26 30.70
C GLY B 368 10.80 1.69 29.63
N ASP B 369 10.59 0.41 29.72
CA ASP B 369 9.90 -0.30 28.62
C ASP B 369 8.38 -0.12 28.57
N GLY B 370 7.79 0.48 29.60
CA GLY B 370 6.34 0.75 29.51
C GLY B 370 5.89 1.63 28.39
N LEU B 371 6.80 2.48 27.88
CA LEU B 371 6.49 3.38 26.81
C LEU B 371 6.73 2.62 25.47
N GLN B 372 5.62 2.35 24.74
CA GLN B 372 5.65 1.54 23.56
C GLN B 372 4.93 2.18 22.41
N PRO B 373 5.46 2.00 21.19
CA PRO B 373 4.69 2.63 20.13
C PRO B 373 3.50 1.80 19.70
N SER B 374 2.45 2.50 19.38
CA SER B 374 1.29 1.83 18.84
C SER B 374 1.48 1.30 17.45
N MET B 375 0.97 0.08 17.29
CA MET B 375 1.11 -0.63 16.03
C MET B 375 -0.05 -0.22 15.16
N ALA B 376 -1.21 -0.08 15.78
CA ALA B 376 -2.39 0.20 15.03
C ALA B 376 -2.38 1.61 14.53
N HIS B 377 -1.52 2.51 15.06
CA HIS B 377 -1.51 3.92 14.66
C HIS B 377 -0.16 4.34 14.07
N ASN B 378 0.55 3.32 13.62
CA ASN B 378 1.61 3.49 12.63
C ASN B 378 2.94 3.87 13.21
N MET B 379 3.14 3.66 14.52
CA MET B 379 4.36 4.07 15.21
C MET B 379 5.40 2.89 15.33
N ALA B 380 4.94 1.65 15.18
CA ALA B 380 5.74 0.47 15.59
C ALA B 380 6.39 -0.18 14.49
N THR B 381 5.73 -0.09 13.31
CA THR B 381 6.05 -0.89 12.12
C THR B 381 5.92 -0.10 10.83
N THR B 382 6.43 -0.67 9.75
CA THR B 382 6.18 -0.13 8.43
C THR B 382 4.68 -0.38 8.13
N LEU B 383 4.15 0.41 7.22
CA LEU B 383 2.77 0.25 6.74
C LEU B 383 2.51 -1.10 6.12
N ALA B 384 3.44 -1.66 5.37
CA ALA B 384 3.19 -3.00 4.83
C ALA B 384 3.01 -4.07 5.93
N VAL B 385 3.83 -4.01 6.98
CA VAL B 385 3.73 -4.91 8.12
C VAL B 385 2.42 -4.71 8.87
N GLN B 386 2.04 -3.44 8.99
CA GLN B 386 0.79 -3.12 9.66
C GLN B 386 -0.39 -3.72 8.94
N GLY B 387 -0.41 -3.58 7.64
CA GLY B 387 -1.48 -4.13 6.89
C GLY B 387 -1.59 -5.64 7.02
N ALA B 388 -0.48 -6.33 7.19
CA ALA B 388 -0.56 -7.77 7.37
C ALA B 388 -1.31 -8.14 8.70
N ILE B 389 -0.94 -7.41 9.75
CA ILE B 389 -1.48 -7.60 11.09
C ILE B 389 -2.99 -7.22 11.05
N PHE B 390 -3.30 -6.08 10.41
CA PHE B 390 -4.75 -5.69 10.22
C PHE B 390 -5.54 -6.80 9.53
N ASP B 391 -4.99 -7.36 8.45
CA ASP B 391 -5.72 -8.41 7.73
C ASP B 391 -5.96 -9.65 8.61
N VAL B 392 -4.94 -10.06 9.37
CA VAL B 392 -5.10 -11.27 10.19
C VAL B 392 -6.17 -11.04 11.27
N VAL B 393 -6.15 -9.88 11.88
CA VAL B 393 -7.00 -9.58 12.97
C VAL B 393 -8.48 -9.50 12.55
N THR B 394 -8.70 -8.81 11.45
CA THR B 394 -10.04 -8.67 10.93
C THR B 394 -10.56 -9.98 10.50
N ASN B 395 -9.78 -10.71 9.70
CA ASN B 395 -10.21 -12.04 9.18
C ASN B 395 -10.51 -13.01 10.34
N PHE B 396 -9.66 -12.97 11.36
CA PHE B 396 -9.89 -13.73 12.60
C PHE B 396 -11.19 -13.28 13.28
N LEU B 397 -11.31 -11.99 13.54
CA LEU B 397 -12.50 -11.49 14.23
C LEU B 397 -13.80 -11.80 13.50
N ASN B 398 -13.81 -11.78 12.18
CA ASN B 398 -15.06 -12.04 11.47
C ASN B 398 -15.48 -13.50 11.38
N ASP B 399 -14.66 -14.41 11.87
CA ASP B 399 -14.91 -15.81 11.74
C ASP B 399 -15.03 -16.34 13.15
N PRO B 400 -16.27 -16.54 13.63
CA PRO B 400 -16.46 -17.07 15.00
C PRO B 400 -15.94 -18.50 15.20
N GLN B 401 -15.53 -19.19 14.15
CA GLN B 401 -14.97 -20.54 14.32
C GLN B 401 -13.47 -20.53 14.23
N ALA B 402 -12.90 -19.35 13.99
CA ALA B 402 -11.45 -19.23 13.86
C ALA B 402 -10.73 -19.73 15.12
N GLU B 403 -9.53 -20.24 14.91
CA GLU B 403 -8.78 -20.86 15.97
C GLU B 403 -7.54 -20.04 16.25
N PRO B 404 -7.41 -19.56 17.50
CA PRO B 404 -6.20 -18.87 17.85
C PRO B 404 -4.88 -19.58 17.40
N ALA B 405 -4.80 -20.90 17.50
CA ALA B 405 -3.56 -21.60 17.17
C ALA B 405 -3.21 -21.38 15.72
N THR B 406 -4.23 -21.40 14.88
CA THR B 406 -3.98 -21.04 13.46
C THR B 406 -3.71 -19.55 13.27
N ALA B 407 -4.40 -18.69 14.03
CA ALA B 407 -4.21 -17.25 13.84
C ALA B 407 -2.76 -16.76 14.08
N VAL B 408 -2.09 -17.36 15.07
CA VAL B 408 -0.74 -16.89 15.40
C VAL B 408 0.22 -17.43 14.30
N LYS B 409 -0.14 -18.48 13.61
CA LYS B 409 0.72 -18.92 12.51
C LYS B 409 0.56 -17.98 11.33
N GLN B 410 -0.70 -17.60 11.09
CA GLN B 410 -1.03 -16.60 10.05
C GLN B 410 -0.45 -15.25 10.38
N LEU B 411 -0.52 -14.81 11.63
CA LEU B 411 0.09 -13.56 11.97
C LEU B 411 1.56 -13.56 11.57
N ASN B 412 2.28 -14.59 11.97
CA ASN B 412 3.73 -14.61 11.78
C ASN B 412 4.02 -14.73 10.30
N ALA B 413 3.28 -15.61 9.62
CA ALA B 413 3.59 -15.89 8.22
C ALA B 413 3.33 -14.63 7.40
N ALA B 414 2.24 -13.97 7.67
CA ALA B 414 1.83 -12.79 6.95
C ALA B 414 2.76 -11.61 7.13
N ILE B 415 3.21 -11.39 8.34
CA ILE B 415 4.18 -10.35 8.61
C ILE B 415 5.42 -10.62 7.80
N LYS B 416 5.89 -11.85 7.87
CA LYS B 416 7.09 -12.32 7.10
C LYS B 416 6.97 -12.13 5.57
N ALA B 417 5.78 -12.42 5.04
CA ALA B 417 5.52 -12.24 3.63
C ALA B 417 5.19 -10.79 3.16
N ALA B 418 5.00 -9.89 4.09
CA ALA B 418 4.57 -8.54 3.81
C ALA B 418 5.74 -7.74 3.31
N ARG B 419 6.90 -8.01 3.90
CA ARG B 419 8.07 -7.13 3.78
C ARG B 419 8.82 -7.55 2.53
C1 GAL C . 0.31 -5.59 -16.42
C2 GAL C . -0.66 -6.76 -16.48
C3 GAL C . -1.04 -6.90 -17.97
C4 GAL C . -1.62 -5.59 -18.51
C5 GAL C . -0.74 -4.36 -18.09
C6 GAL C . -1.39 -2.99 -18.40
O1 GAL C . 0.88 -5.43 -15.17
O2 GAL C . -0.01 -7.89 -15.98
O3 GAL C . -1.98 -7.98 -18.11
O4 GAL C . -2.95 -5.58 -18.02
O5 GAL C . -0.48 -4.43 -16.69
O6 GAL C . -2.48 -2.80 -17.51
C1 GOL D . 7.36 4.46 -23.76
O1 GOL D . 7.73 4.59 -25.07
C2 GOL D . 6.19 3.56 -23.40
O2 GOL D . 6.61 3.39 -22.14
C3 GOL D . 4.74 4.12 -23.59
O3 GOL D . 3.72 3.86 -22.67
S SO4 E . 10.11 -27.25 -17.24
O1 SO4 E . 11.26 -28.07 -17.05
O2 SO4 E . 9.26 -27.66 -16.09
O3 SO4 E . 9.51 -27.47 -18.58
O4 SO4 E . 10.55 -25.82 -17.12
S SO4 F . 17.09 -3.11 -41.37
O1 SO4 F . 16.48 -2.23 -40.31
O2 SO4 F . 16.26 -4.37 -41.33
O3 SO4 F . 18.48 -3.51 -40.91
O4 SO4 F . 17.22 -2.56 -42.75
C1 GAL G . -5.06 8.26 14.38
C2 GAL G . -4.51 9.68 14.30
C3 GAL G . -5.33 10.54 15.21
C4 GAL G . -6.82 10.46 14.90
C5 GAL G . -7.27 9.04 14.83
C6 GAL G . -8.79 8.86 14.48
O1 GAL G . -4.43 7.26 13.64
O2 GAL G . -3.16 9.71 14.71
O3 GAL G . -4.91 11.86 15.21
O4 GAL G . -7.16 11.15 13.70
O5 GAL G . -6.40 8.34 13.94
O6 GAL G . -8.92 9.01 13.11
C1 GOL H . 8.13 29.40 20.01
O1 GOL H . 8.37 28.34 19.02
C2 GOL H . 9.10 29.55 21.24
O2 GOL H . 8.55 30.30 22.39
C3 GOL H . 9.68 28.17 21.63
O3 GOL H . 11.06 27.90 21.29
#